data_6UWP
#
_entry.id   6UWP
#
_cell.length_a   54.807
_cell.length_b   86.465
_cell.length_c   109.378
_cell.angle_alpha   90.000
_cell.angle_beta   100.990
_cell.angle_gamma   90.000
#
_symmetry.space_group_name_H-M   'P 1 21 1'
#
loop_
_entity.id
_entity.type
_entity.pdbx_description
1 polymer 'Beta-secretase 1'
2 non-polymer (1R,2R)-2-[(4aR,7aR)-2-amino-6-(pyrimidin-2-yl)-4a,5,6,7-tetrahydropyrrolo[3,4-d][1,3]thiazin-7a(4H)-yl]-N-{[(1R,2R)-2-methylcyclopropyl]methyl}cyclopropane-1-carboxamide
3 non-polymer GLYCEROL
4 non-polymer 'SULFATE ION'
5 water water
#
_entity_poly.entity_id   1
_entity_poly.type   'polypeptide(L)'
_entity_poly.pdbx_seq_one_letter_code
;MAGVLPAHGTQHGIRLPLRSGLGGAPLGLRLPRETDEEPEEPGRRGSFVEMVDNLRGKSGQGYYVEMTVGSPPQTLNILV
DTGSSNFAVGAAPHPFLHRYYQRQLSSTYRDLRKGVYVPYTQGKWEGELGTDLVSIPHGPNVTVRANIAAITESDKFFIN
GSNWEGILGLAYAEIARPDDSLEPFFDSLVKQTHVPNLFSLQLCGAGFPLNQSEVLASVGGSMIIGGIDHSLYTGSLWYT
PIRREWYYEVIIVRVEINGQDLKMDCKEYNYDKSIVDSGTTNLRLPKKVFEAAVKSIKAASSTEKFPDGFWLGEQLVCWQ
AGTTPWNIFPVISLYLMGEVTNQSFRITILPQQYLRPVEDVATSQDDCYKFAISQSSTGTVMGAVIMEGFYVVFDRARKR
IGFAVSACHVHDEFRTAAVEGPFVTLDMEDCGYNIPQTDEST
;
_entity_poly.pdbx_strand_id   A,B
#
loop_
_chem_comp.id
_chem_comp.type
_chem_comp.name
_chem_comp.formula
GOL non-polymer GLYCEROL 'C3 H8 O3'
QKA non-polymer (1R,2R)-2-[(4aR,7aR)-2-amino-6-(pyrimidin-2-yl)-4a,5,6,7-tetrahydropyrrolo[3,4-d][1,3]thiazin-7a(4H)-yl]-N-{[(1R,2R)-2-methylcyclopropyl]methyl}cyclopropane-1-carboxamide 'C19 H26 N6 O S'
SO4 non-polymer 'SULFATE ION' 'O4 S -2'
#
# COMPACT_ATOMS: atom_id res chain seq x y z
N PRO A 42 36.94 13.34 -38.16
CA PRO A 42 37.25 11.94 -37.91
C PRO A 42 36.00 11.13 -37.59
N GLY A 43 35.97 9.89 -38.07
CA GLY A 43 34.90 8.94 -37.76
C GLY A 43 34.90 8.56 -36.28
N ARG A 44 33.70 8.39 -35.72
CA ARG A 44 33.49 8.13 -34.31
C ARG A 44 33.73 6.65 -34.02
N ARG A 45 34.73 6.34 -33.18
CA ARG A 45 34.95 4.97 -32.74
C ARG A 45 34.19 4.76 -31.44
N GLY A 46 33.63 3.54 -31.27
CA GLY A 46 33.01 3.13 -30.01
C GLY A 46 33.93 2.19 -29.23
N SER A 47 34.50 2.71 -28.13
CA SER A 47 35.57 2.01 -27.46
CA SER A 47 35.58 2.04 -27.43
C SER A 47 35.06 1.26 -26.22
N PHE A 48 33.73 1.23 -26.01
CA PHE A 48 33.20 0.50 -24.86
C PHE A 48 32.17 -0.57 -25.25
N VAL A 49 32.57 -1.45 -26.17
CA VAL A 49 31.66 -2.43 -26.77
C VAL A 49 31.02 -3.33 -25.71
N GLU A 50 31.77 -3.61 -24.63
N GLU A 50 31.76 -3.70 -24.65
CA GLU A 50 31.39 -4.53 -23.57
CA GLU A 50 31.23 -4.61 -23.64
C GLU A 50 30.19 -3.99 -22.79
C GLU A 50 30.00 -4.01 -22.94
N MET A 51 29.95 -2.68 -22.85
CA MET A 51 28.87 -2.04 -22.10
C MET A 51 27.77 -1.46 -23.00
N VAL A 52 28.04 -1.32 -24.29
CA VAL A 52 27.01 -0.83 -25.20
C VAL A 52 25.84 -1.83 -25.21
N ASP A 53 24.61 -1.31 -25.13
CA ASP A 53 23.40 -2.10 -25.26
C ASP A 53 23.17 -2.96 -24.02
N ASN A 54 23.64 -2.48 -22.85
CA ASN A 54 23.49 -3.23 -21.60
C ASN A 54 22.21 -2.86 -20.84
N LEU A 55 21.38 -1.95 -21.35
CA LEU A 55 20.13 -1.61 -20.66
C LEU A 55 18.93 -2.20 -21.37
N ARG A 56 17.85 -2.35 -20.62
CA ARG A 56 16.52 -2.68 -21.14
CA ARG A 56 16.53 -2.66 -21.16
C ARG A 56 15.51 -1.81 -20.41
N GLY A 57 14.32 -1.69 -20.97
CA GLY A 57 13.22 -1.00 -20.30
C GLY A 57 12.66 0.10 -21.19
N LYS A 58 11.96 1.03 -20.56
CA LYS A 58 11.24 2.09 -21.26
C LYS A 58 10.92 3.19 -20.25
N SER A 59 10.53 4.36 -20.74
CA SER A 59 10.42 5.53 -19.88
C SER A 59 9.35 5.32 -18.80
N GLY A 60 8.24 4.63 -19.12
CA GLY A 60 7.14 4.52 -18.18
C GLY A 60 7.40 3.58 -17.01
N GLN A 61 8.37 2.66 -17.16
CA GLN A 61 8.61 1.63 -16.15
C GLN A 61 10.05 1.61 -15.67
N GLY A 62 10.95 2.35 -16.33
CA GLY A 62 12.35 2.44 -15.92
C GLY A 62 13.28 1.67 -16.84
N TYR A 63 14.55 2.11 -16.87
CA TYR A 63 15.62 1.44 -17.57
C TYR A 63 16.49 0.73 -16.55
N TYR A 64 16.89 -0.51 -16.85
CA TYR A 64 17.58 -1.34 -15.88
C TYR A 64 18.77 -2.05 -16.51
N VAL A 65 19.71 -2.40 -15.62
CA VAL A 65 20.93 -3.10 -15.96
C VAL A 65 20.98 -4.40 -15.14
N GLU A 66 21.60 -5.45 -15.70
CA GLU A 66 21.79 -6.68 -14.96
C GLU A 66 22.95 -6.50 -13.96
N MET A 67 22.74 -6.97 -12.73
CA MET A 67 23.81 -6.99 -11.74
C MET A 67 23.83 -8.35 -11.07
N THR A 68 24.93 -8.65 -10.36
CA THR A 68 24.92 -9.81 -9.48
C THR A 68 25.30 -9.36 -8.07
N VAL A 69 24.72 -10.06 -7.08
CA VAL A 69 25.04 -9.79 -5.69
C VAL A 69 25.31 -11.14 -5.02
N GLY A 70 26.30 -11.15 -4.11
CA GLY A 70 26.51 -12.32 -3.27
C GLY A 70 27.39 -13.39 -3.90
N SER A 71 27.67 -14.42 -3.07
CA SER A 71 28.52 -15.54 -3.44
C SER A 71 27.80 -16.83 -3.05
N PRO A 72 27.45 -17.70 -4.01
CA PRO A 72 27.60 -17.51 -5.44
C PRO A 72 26.71 -16.37 -5.96
N PRO A 73 27.01 -15.83 -7.15
CA PRO A 73 26.31 -14.64 -7.64
C PRO A 73 24.83 -14.90 -7.84
N GLN A 74 24.01 -13.97 -7.33
CA GLN A 74 22.57 -13.94 -7.57
C GLN A 74 22.31 -12.82 -8.57
N THR A 75 21.74 -13.17 -9.72
CA THR A 75 21.46 -12.20 -10.76
C THR A 75 20.15 -11.47 -10.47
N LEU A 76 20.19 -10.13 -10.60
CA LEU A 76 19.01 -9.30 -10.45
C LEU A 76 19.07 -8.19 -11.50
N ASN A 77 17.88 -7.74 -11.94
CA ASN A 77 17.77 -6.58 -12.80
C ASN A 77 17.56 -5.34 -11.94
N ILE A 78 18.32 -4.27 -12.25
CA ILE A 78 18.42 -3.14 -11.34
C ILE A 78 18.15 -1.82 -12.09
N LEU A 79 17.14 -1.08 -11.63
CA LEU A 79 16.78 0.22 -12.19
C LEU A 79 17.95 1.18 -12.05
N VAL A 80 18.30 1.88 -13.14
CA VAL A 80 19.29 2.93 -13.09
C VAL A 80 18.62 4.21 -12.62
N ASP A 81 19.01 4.71 -11.43
CA ASP A 81 18.33 5.85 -10.83
C ASP A 81 19.33 6.94 -10.46
N THR A 82 19.45 7.95 -11.33
CA THR A 82 20.34 9.07 -11.03
C THR A 82 19.74 10.06 -10.03
N GLY A 83 18.50 9.83 -9.57
CA GLY A 83 17.85 10.72 -8.62
C GLY A 83 17.90 10.26 -7.15
N SER A 84 18.61 9.18 -6.85
CA SER A 84 18.77 8.71 -5.48
C SER A 84 20.16 8.08 -5.32
N SER A 85 20.48 7.63 -4.10
CA SER A 85 21.87 7.28 -3.81
C SER A 85 22.04 5.96 -3.06
N ASN A 86 20.98 5.16 -2.96
CA ASN A 86 21.08 3.85 -2.34
C ASN A 86 21.00 2.73 -3.37
N PHE A 87 21.78 1.68 -3.12
CA PHE A 87 21.60 0.41 -3.82
C PHE A 87 20.64 -0.42 -2.98
N ALA A 88 19.43 -0.66 -3.49
CA ALA A 88 18.37 -1.25 -2.69
C ALA A 88 17.69 -2.32 -3.54
N VAL A 89 17.61 -3.54 -3.01
CA VAL A 89 17.12 -4.67 -3.79
C VAL A 89 16.01 -5.40 -3.03
N GLY A 90 14.99 -5.87 -3.76
CA GLY A 90 14.01 -6.76 -3.16
C GLY A 90 14.70 -7.92 -2.49
N ALA A 91 14.29 -8.23 -1.25
CA ALA A 91 14.94 -9.27 -0.47
C ALA A 91 13.94 -10.16 0.26
N ALA A 92 12.68 -10.08 -0.18
CA ALA A 92 11.59 -10.85 0.36
C ALA A 92 10.53 -10.97 -0.73
N PRO A 93 9.68 -12.02 -0.72
CA PRO A 93 8.63 -12.17 -1.74
C PRO A 93 7.74 -10.94 -1.86
N HIS A 94 7.32 -10.66 -3.09
CA HIS A 94 6.39 -9.60 -3.41
C HIS A 94 5.65 -10.05 -4.66
N PRO A 95 4.34 -9.76 -4.81
CA PRO A 95 3.60 -10.18 -6.00
C PRO A 95 4.22 -9.79 -7.35
N PHE A 96 5.02 -8.72 -7.38
CA PHE A 96 5.58 -8.21 -8.63
C PHE A 96 7.05 -8.58 -8.80
N LEU A 97 7.61 -9.38 -7.86
CA LEU A 97 8.98 -9.85 -7.96
C LEU A 97 9.00 -11.33 -8.36
N HIS A 98 9.79 -11.66 -9.39
CA HIS A 98 9.97 -13.05 -9.78
C HIS A 98 11.20 -13.63 -9.11
N ARG A 99 12.06 -12.74 -8.61
CA ARG A 99 13.21 -13.15 -7.83
C ARG A 99 13.60 -12.05 -6.86
N TYR A 100 14.44 -12.41 -5.88
CA TYR A 100 14.86 -11.49 -4.85
C TYR A 100 16.17 -11.97 -4.24
N TYR A 101 16.88 -11.03 -3.59
CA TYR A 101 18.14 -11.31 -2.94
C TYR A 101 17.91 -12.16 -1.69
N GLN A 102 18.61 -13.31 -1.63
CA GLN A 102 18.52 -14.24 -0.52
C GLN A 102 19.83 -14.19 0.27
N ARG A 103 19.84 -13.38 1.34
CA ARG A 103 21.07 -13.12 2.08
C ARG A 103 21.65 -14.39 2.71
N GLN A 104 20.76 -15.32 3.11
CA GLN A 104 21.19 -16.53 3.79
C GLN A 104 21.94 -17.49 2.85
N LEU A 105 21.85 -17.24 1.53
CA LEU A 105 22.53 -18.07 0.55
C LEU A 105 23.84 -17.47 0.07
N SER A 106 24.21 -16.29 0.62
CA SER A 106 25.45 -15.64 0.23
C SER A 106 26.49 -15.77 1.33
N SER A 107 27.63 -16.39 0.99
CA SER A 107 28.69 -16.59 1.98
C SER A 107 29.41 -15.28 2.31
N THR A 108 29.25 -14.27 1.45
CA THR A 108 29.96 -13.00 1.60
C THR A 108 29.06 -11.91 2.18
N TYR A 109 27.82 -12.25 2.50
CA TYR A 109 26.90 -11.32 3.13
C TYR A 109 27.44 -10.87 4.49
N ARG A 110 27.36 -9.55 4.75
CA ARG A 110 27.64 -8.99 6.06
C ARG A 110 26.44 -8.16 6.50
N ASP A 111 25.97 -8.40 7.73
CA ASP A 111 24.83 -7.71 8.30
C ASP A 111 25.33 -6.44 8.99
N LEU A 112 24.77 -5.28 8.62
CA LEU A 112 25.12 -4.03 9.30
C LEU A 112 24.21 -3.78 10.51
N ARG A 113 23.21 -4.64 10.74
CA ARG A 113 22.36 -4.62 11.93
CA ARG A 113 22.39 -4.61 11.94
C ARG A 113 21.69 -3.26 12.09
N LYS A 114 21.15 -2.74 10.99
CA LYS A 114 20.53 -1.41 10.95
CA LYS A 114 20.42 -1.48 11.04
C LYS A 114 19.44 -1.39 9.88
N GLY A 115 18.32 -0.75 10.18
CA GLY A 115 17.26 -0.61 9.20
C GLY A 115 17.35 0.71 8.45
N VAL A 116 16.56 0.80 7.38
CA VAL A 116 16.44 2.02 6.61
C VAL A 116 15.00 2.10 6.12
N TYR A 117 14.38 3.27 6.31
CA TYR A 117 13.00 3.50 5.94
C TYR A 117 12.95 4.73 5.04
N VAL A 118 12.42 4.55 3.82
CA VAL A 118 12.43 5.62 2.83
C VAL A 118 11.01 5.88 2.32
N PRO A 119 10.21 6.69 3.03
CA PRO A 119 8.93 7.14 2.50
C PRO A 119 9.13 8.33 1.57
N TYR A 120 8.35 8.36 0.48
CA TYR A 120 8.41 9.45 -0.48
C TYR A 120 6.99 9.71 -0.97
N THR A 121 6.82 10.73 -1.81
CA THR A 121 5.51 11.24 -2.18
C THR A 121 4.56 10.10 -2.52
N GLN A 122 4.95 9.27 -3.48
CA GLN A 122 4.01 8.33 -4.07
C GLN A 122 4.34 6.89 -3.72
N GLY A 123 5.15 6.66 -2.67
CA GLY A 123 5.52 5.29 -2.32
C GLY A 123 6.48 5.22 -1.14
N LYS A 124 6.90 3.99 -0.83
CA LYS A 124 7.85 3.75 0.25
C LYS A 124 8.67 2.52 -0.09
N TRP A 125 9.93 2.49 0.36
CA TRP A 125 10.66 1.24 0.47
C TRP A 125 11.35 1.21 1.84
N GLU A 126 11.48 0.00 2.39
CA GLU A 126 12.05 -0.16 3.71
C GLU A 126 12.82 -1.46 3.74
N GLY A 127 13.94 -1.44 4.45
CA GLY A 127 14.72 -2.67 4.48
C GLY A 127 15.81 -2.67 5.53
N GLU A 128 16.73 -3.61 5.32
CA GLU A 128 17.77 -3.94 6.28
C GLU A 128 19.12 -3.76 5.60
N LEU A 129 20.03 -3.03 6.23
CA LEU A 129 21.31 -2.73 5.62
C LEU A 129 22.31 -3.86 5.81
N GLY A 130 23.16 -4.04 4.81
CA GLY A 130 24.23 -5.01 4.84
C GLY A 130 25.24 -4.66 3.75
N THR A 131 26.28 -5.47 3.62
CA THR A 131 27.18 -5.36 2.47
C THR A 131 27.32 -6.72 1.82
N ASP A 132 27.75 -6.70 0.55
CA ASP A 132 28.05 -7.94 -0.15
C ASP A 132 28.90 -7.60 -1.37
N LEU A 133 29.42 -8.65 -2.01
CA LEU A 133 30.13 -8.47 -3.28
C LEU A 133 29.12 -8.28 -4.40
N VAL A 134 29.45 -7.34 -5.30
CA VAL A 134 28.55 -6.90 -6.36
C VAL A 134 29.35 -6.79 -7.66
N SER A 135 28.74 -7.26 -8.76
CA SER A 135 29.31 -7.16 -10.09
CA SER A 135 29.32 -7.10 -10.08
C SER A 135 28.24 -6.66 -11.08
N ILE A 136 28.71 -6.14 -12.21
CA ILE A 136 27.87 -5.78 -13.33
C ILE A 136 28.35 -6.61 -14.53
N PRO A 137 27.67 -7.71 -14.90
CA PRO A 137 28.14 -8.59 -15.98
C PRO A 137 28.49 -7.88 -17.29
N HIS A 138 27.68 -6.91 -17.71
CA HIS A 138 27.96 -6.15 -18.91
C HIS A 138 28.45 -4.77 -18.49
N GLY A 139 29.43 -4.77 -17.62
CA GLY A 139 30.00 -3.56 -17.05
C GLY A 139 31.51 -3.69 -17.04
N PRO A 140 32.21 -3.00 -16.12
CA PRO A 140 33.65 -3.17 -15.97
C PRO A 140 33.86 -4.56 -15.37
N ASN A 141 35.00 -5.14 -15.68
CA ASN A 141 35.29 -6.49 -15.24
C ASN A 141 35.89 -6.42 -13.85
N VAL A 142 35.08 -5.97 -12.89
CA VAL A 142 35.50 -5.80 -11.51
C VAL A 142 34.37 -6.23 -10.59
N THR A 143 34.72 -6.63 -9.37
CA THR A 143 33.77 -6.93 -8.32
C THR A 143 34.12 -6.06 -7.12
N VAL A 144 33.10 -5.49 -6.47
CA VAL A 144 33.39 -4.62 -5.34
C VAL A 144 32.50 -5.02 -4.16
N ARG A 145 32.93 -4.60 -2.97
CA ARG A 145 32.07 -4.78 -1.80
C ARG A 145 31.29 -3.49 -1.62
N ALA A 146 29.95 -3.59 -1.61
CA ALA A 146 29.10 -2.42 -1.59
C ALA A 146 28.00 -2.58 -0.56
N ASN A 147 27.49 -1.45 -0.08
CA ASN A 147 26.28 -1.44 0.73
C ASN A 147 25.09 -1.91 -0.09
N ILE A 148 24.23 -2.69 0.55
CA ILE A 148 22.98 -3.13 -0.07
C ILE A 148 21.87 -2.98 0.97
N ALA A 149 20.79 -2.29 0.59
CA ALA A 149 19.57 -2.27 1.40
C ALA A 149 18.67 -3.41 0.92
N ALA A 150 18.44 -4.38 1.80
CA ALA A 150 17.62 -5.54 1.50
C ALA A 150 16.17 -5.17 1.80
N ILE A 151 15.36 -4.95 0.75
CA ILE A 151 14.02 -4.42 0.91
C ILE A 151 13.08 -5.51 1.39
N THR A 152 12.42 -5.24 2.53
CA THR A 152 11.54 -6.22 3.17
C THR A 152 10.08 -5.77 3.14
N GLU A 153 9.83 -4.46 2.99
CA GLU A 153 8.47 -3.92 2.92
C GLU A 153 8.47 -2.77 1.91
N SER A 154 7.35 -2.56 1.20
CA SER A 154 7.31 -1.53 0.18
C SER A 154 5.88 -1.16 -0.12
N ASP A 155 5.73 0.00 -0.77
CA ASP A 155 4.41 0.54 -1.09
C ASP A 155 4.56 1.22 -2.44
N LYS A 156 3.93 0.64 -3.48
CA LYS A 156 3.90 1.20 -4.84
C LYS A 156 5.32 1.45 -5.36
N PHE A 157 6.26 0.59 -4.97
CA PHE A 157 7.65 0.71 -5.39
C PHE A 157 7.90 -0.21 -6.57
N PHE A 158 7.73 -1.53 -6.35
CA PHE A 158 7.85 -2.48 -7.43
C PHE A 158 6.71 -2.26 -8.43
N ILE A 159 7.04 -2.44 -9.71
CA ILE A 159 6.14 -2.17 -10.82
C ILE A 159 5.85 -3.50 -11.51
N ASN A 160 4.56 -3.84 -11.62
CA ASN A 160 4.10 -5.04 -12.31
C ASN A 160 4.58 -5.03 -13.76
N GLY A 161 5.43 -6.00 -14.10
CA GLY A 161 5.88 -6.23 -15.46
C GLY A 161 7.14 -5.43 -15.85
N SER A 162 7.72 -4.70 -14.89
CA SER A 162 8.87 -3.84 -15.20
C SER A 162 10.17 -4.62 -15.43
N ASN A 163 10.25 -5.84 -14.86
CA ASN A 163 11.39 -6.73 -15.01
CA ASN A 163 11.37 -6.76 -14.97
C ASN A 163 12.56 -6.34 -14.11
N TRP A 164 12.39 -5.32 -13.23
CA TRP A 164 13.48 -5.02 -12.29
C TRP A 164 13.09 -5.34 -10.85
N GLU A 165 14.14 -5.63 -10.06
CA GLU A 165 14.00 -6.18 -8.73
C GLU A 165 14.72 -5.33 -7.69
N GLY A 166 15.35 -4.24 -8.12
CA GLY A 166 16.04 -3.35 -7.20
C GLY A 166 16.42 -2.09 -7.96
N ILE A 167 17.06 -1.15 -7.24
CA ILE A 167 17.44 0.15 -7.81
C ILE A 167 18.89 0.45 -7.46
N LEU A 168 19.55 1.14 -8.41
CA LEU A 168 20.92 1.58 -8.27
C LEU A 168 20.90 3.10 -8.22
N GLY A 169 20.99 3.65 -7.01
CA GLY A 169 21.04 5.09 -6.85
C GLY A 169 22.45 5.59 -7.16
N LEU A 170 22.55 6.42 -8.21
CA LEU A 170 23.84 6.86 -8.72
C LEU A 170 24.22 8.27 -8.29
N ALA A 171 23.36 8.93 -7.51
CA ALA A 171 23.67 10.27 -6.99
C ALA A 171 24.58 10.19 -5.76
N TYR A 172 24.79 11.33 -5.11
CA TYR A 172 25.89 11.46 -4.17
C TYR A 172 25.47 11.13 -2.72
N ALA A 173 26.47 10.95 -1.86
CA ALA A 173 26.26 10.51 -0.48
C ALA A 173 25.34 11.44 0.30
N GLU A 174 25.33 12.74 -0.02
CA GLU A 174 24.52 13.67 0.77
C GLU A 174 23.08 13.21 0.90
N ILE A 175 22.54 12.56 -0.14
CA ILE A 175 21.14 12.17 -0.14
C ILE A 175 20.97 10.66 0.09
N ALA A 176 22.04 9.96 0.50
CA ALA A 176 21.93 8.55 0.86
C ALA A 176 21.08 8.41 2.14
N ARG A 177 20.38 7.28 2.25
CA ARG A 177 19.58 6.97 3.42
C ARG A 177 20.21 5.79 4.15
N PRO A 178 20.18 5.80 5.50
CA PRO A 178 19.50 6.78 6.34
C PRO A 178 20.24 8.11 6.49
N ASP A 179 21.52 8.13 6.12
CA ASP A 179 22.34 9.33 6.20
C ASP A 179 23.56 9.18 5.28
N ASP A 180 24.38 10.23 5.24
CA ASP A 180 25.48 10.33 4.29
C ASP A 180 26.66 9.43 4.63
N SER A 181 26.60 8.70 5.75
CA SER A 181 27.66 7.74 6.07
C SER A 181 27.54 6.45 5.25
N LEU A 182 26.39 6.24 4.59
CA LEU A 182 26.21 5.02 3.83
C LEU A 182 26.72 5.24 2.41
N GLU A 183 27.95 4.79 2.17
CA GLU A 183 28.63 5.07 0.91
C GLU A 183 27.82 4.55 -0.26
N PRO A 184 27.49 5.39 -1.27
CA PRO A 184 26.80 4.88 -2.46
C PRO A 184 27.67 3.94 -3.29
N PHE A 185 27.00 3.12 -4.12
CA PHE A 185 27.66 2.14 -4.94
C PHE A 185 28.77 2.74 -5.80
N PHE A 186 28.49 3.84 -6.50
CA PHE A 186 29.48 4.33 -7.46
C PHE A 186 30.73 4.82 -6.72
N ASP A 187 30.54 5.37 -5.52
N ASP A 187 30.53 5.42 -5.54
CA ASP A 187 31.65 5.80 -4.67
CA ASP A 187 31.66 5.80 -4.69
C ASP A 187 32.51 4.62 -4.24
C ASP A 187 32.51 4.57 -4.39
N SER A 188 31.87 3.48 -3.94
CA SER A 188 32.59 2.24 -3.62
C SER A 188 33.35 1.73 -4.83
N LEU A 189 32.69 1.75 -6.00
CA LEU A 189 33.31 1.28 -7.23
C LEU A 189 34.60 2.05 -7.51
N VAL A 190 34.53 3.39 -7.45
CA VAL A 190 35.67 4.23 -7.76
C VAL A 190 36.80 4.03 -6.74
N LYS A 191 36.44 3.90 -5.46
N LYS A 191 36.44 3.94 -5.46
CA LYS A 191 37.39 3.80 -4.37
CA LYS A 191 37.43 3.79 -4.41
C LYS A 191 38.13 2.45 -4.38
C LYS A 191 38.20 2.48 -4.56
N GLN A 192 37.47 1.40 -4.87
CA GLN A 192 38.01 0.04 -4.79
C GLN A 192 38.70 -0.42 -6.08
N THR A 193 38.52 0.33 -7.18
CA THR A 193 38.98 -0.10 -8.49
C THR A 193 39.67 1.06 -9.21
N HIS A 194 40.12 0.83 -10.45
CA HIS A 194 40.68 1.90 -11.27
C HIS A 194 39.64 2.49 -12.24
N VAL A 195 38.36 2.17 -12.03
CA VAL A 195 37.31 2.70 -12.91
C VAL A 195 37.29 4.23 -12.79
N PRO A 196 37.40 4.98 -13.92
CA PRO A 196 37.32 6.45 -13.84
C PRO A 196 36.00 6.92 -13.25
N ASN A 197 36.05 8.09 -12.59
CA ASN A 197 34.93 8.65 -11.86
C ASN A 197 33.95 9.38 -12.80
N LEU A 198 33.29 8.60 -13.65
CA LEU A 198 32.39 9.12 -14.67
C LEU A 198 31.53 7.96 -15.15
N PHE A 199 30.27 8.24 -15.48
CA PHE A 199 29.47 7.27 -16.23
C PHE A 199 28.59 8.03 -17.20
N SER A 200 28.07 7.33 -18.21
CA SER A 200 27.25 8.00 -19.20
C SER A 200 26.05 7.12 -19.54
N LEU A 201 24.92 7.76 -19.88
CA LEU A 201 23.68 7.05 -20.13
C LEU A 201 23.11 7.44 -21.49
N GLN A 202 22.77 6.40 -22.27
CA GLN A 202 21.99 6.54 -23.47
C GLN A 202 20.71 5.75 -23.25
N LEU A 203 19.60 6.44 -22.95
CA LEU A 203 18.33 5.77 -22.77
C LEU A 203 17.60 5.83 -24.10
N CYS A 204 17.16 4.68 -24.59
CA CYS A 204 16.61 4.60 -25.94
C CYS A 204 15.12 4.29 -25.92
N GLY A 205 14.32 5.32 -26.18
CA GLY A 205 12.89 5.13 -26.36
C GLY A 205 12.62 4.54 -27.74
N ALA A 206 11.62 3.65 -27.83
CA ALA A 206 11.33 3.01 -29.10
C ALA A 206 10.53 3.93 -30.02
N GLY A 207 9.73 4.83 -29.45
CA GLY A 207 8.82 5.67 -30.24
C GLY A 207 7.46 5.00 -30.48
N PHE A 208 7.29 3.79 -29.93
CA PHE A 208 6.04 3.06 -30.02
C PHE A 208 5.95 2.17 -28.78
N PRO A 209 4.77 1.63 -28.43
CA PRO A 209 4.62 0.84 -27.20
C PRO A 209 5.32 -0.51 -27.33
N LEU A 210 5.81 -1.01 -26.19
CA LEU A 210 6.37 -2.35 -26.05
C LEU A 210 5.60 -3.08 -24.96
N ASN A 211 5.22 -4.33 -25.24
CA ASN A 211 4.66 -5.20 -24.21
C ASN A 211 5.83 -5.87 -23.50
N GLN A 212 5.54 -6.62 -22.40
CA GLN A 212 6.57 -7.25 -21.60
C GLN A 212 7.48 -8.13 -22.48
N SER A 213 6.88 -8.84 -23.44
CA SER A 213 7.60 -9.70 -24.38
C SER A 213 8.60 -8.90 -25.22
N GLU A 214 8.11 -7.84 -25.87
CA GLU A 214 8.92 -6.99 -26.74
C GLU A 214 9.99 -6.26 -25.92
N VAL A 215 9.59 -5.81 -24.74
CA VAL A 215 10.51 -5.05 -23.91
C VAL A 215 11.61 -5.97 -23.36
N LEU A 216 11.32 -7.27 -23.20
CA LEU A 216 12.33 -8.21 -22.74
C LEU A 216 13.36 -8.49 -23.84
N ALA A 217 12.94 -8.43 -25.10
CA ALA A 217 13.79 -8.80 -26.23
C ALA A 217 14.54 -7.61 -26.80
N SER A 218 14.09 -6.38 -26.47
CA SER A 218 14.57 -5.13 -27.04
CA SER A 218 14.61 -5.17 -27.07
C SER A 218 15.75 -4.59 -26.23
N VAL A 219 16.70 -3.96 -26.93
CA VAL A 219 17.77 -3.18 -26.29
C VAL A 219 17.18 -1.82 -25.92
N GLY A 220 17.37 -1.43 -24.65
CA GLY A 220 16.84 -0.18 -24.16
C GLY A 220 17.88 0.94 -24.03
N GLY A 221 19.14 0.65 -24.35
CA GLY A 221 20.17 1.67 -24.24
C GLY A 221 21.46 1.17 -23.63
N SER A 222 22.27 2.12 -23.16
CA SER A 222 23.61 1.84 -22.67
C SER A 222 23.92 2.65 -21.41
N MET A 223 24.54 1.97 -20.45
CA MET A 223 25.21 2.66 -19.36
CA MET A 223 25.21 2.64 -19.34
C MET A 223 26.69 2.34 -19.46
N ILE A 224 27.49 3.36 -19.80
CA ILE A 224 28.92 3.19 -19.95
C ILE A 224 29.54 3.63 -18.64
N ILE A 225 30.04 2.65 -17.89
N ILE A 225 30.12 2.66 -17.92
CA ILE A 225 30.69 2.87 -16.62
CA ILE A 225 30.66 2.90 -16.59
C ILE A 225 32.15 3.19 -16.89
C ILE A 225 32.16 3.14 -16.73
N GLY A 226 32.57 4.39 -16.48
CA GLY A 226 33.98 4.78 -16.55
C GLY A 226 34.40 5.44 -17.86
N GLY A 227 33.45 5.79 -18.73
CA GLY A 227 33.83 6.43 -19.97
C GLY A 227 32.66 6.93 -20.81
N ILE A 228 33.04 7.45 -21.99
CA ILE A 228 32.20 8.05 -23.01
C ILE A 228 32.40 7.25 -24.29
N ASP A 229 31.30 6.71 -24.83
CA ASP A 229 31.36 5.95 -26.07
C ASP A 229 30.86 6.84 -27.20
N HIS A 230 31.76 7.09 -28.16
CA HIS A 230 31.49 8.07 -29.19
C HIS A 230 30.48 7.57 -30.24
N SER A 231 30.17 6.27 -30.25
CA SER A 231 29.17 5.73 -31.17
C SER A 231 27.75 6.11 -30.76
N LEU A 232 27.57 6.57 -29.52
CA LEU A 232 26.23 6.73 -28.95
C LEU A 232 25.62 8.11 -29.19
N TYR A 233 26.37 9.01 -29.82
CA TYR A 233 25.88 10.37 -30.02
C TYR A 233 26.37 10.91 -31.35
N THR A 234 25.70 12.00 -31.77
CA THR A 234 26.13 12.77 -32.93
C THR A 234 26.44 14.19 -32.48
N GLY A 235 27.26 14.90 -33.27
CA GLY A 235 27.59 16.28 -32.97
C GLY A 235 28.48 16.40 -31.73
N SER A 236 28.43 17.57 -31.08
CA SER A 236 29.32 17.86 -29.96
C SER A 236 28.64 17.61 -28.62
N LEU A 237 29.46 17.27 -27.62
CA LEU A 237 29.06 17.29 -26.22
C LEU A 237 29.22 18.70 -25.68
N TRP A 238 28.15 19.19 -25.04
CA TRP A 238 28.15 20.46 -24.31
C TRP A 238 27.96 20.17 -22.82
N TYR A 239 28.75 20.85 -21.98
CA TYR A 239 28.75 20.57 -20.55
C TYR A 239 28.15 21.72 -19.74
N THR A 240 27.33 21.33 -18.75
CA THR A 240 26.79 22.25 -17.75
C THR A 240 27.39 21.90 -16.40
N PRO A 241 27.70 22.86 -15.50
CA PRO A 241 28.25 22.49 -14.19
C PRO A 241 27.24 21.72 -13.34
N ILE A 242 27.74 20.76 -12.56
CA ILE A 242 26.97 20.25 -11.43
C ILE A 242 27.05 21.31 -10.34
N ARG A 243 25.89 21.89 -10.00
CA ARG A 243 25.86 23.04 -9.10
C ARG A 243 26.35 22.65 -7.71
N ARG A 244 25.90 21.47 -7.25
CA ARG A 244 26.25 20.93 -5.95
C ARG A 244 26.08 19.42 -6.06
N GLU A 245 26.97 18.69 -5.37
CA GLU A 245 27.00 17.24 -5.42
C GLU A 245 26.06 16.66 -4.38
N TRP A 246 24.80 16.51 -4.75
CA TRP A 246 23.80 15.87 -3.92
C TRP A 246 22.91 15.05 -4.86
N TYR A 247 21.88 15.68 -5.40
CA TYR A 247 21.36 15.27 -6.69
C TYR A 247 22.36 15.69 -7.77
N TYR A 248 22.12 15.26 -9.02
CA TYR A 248 22.80 15.87 -10.16
C TYR A 248 22.09 17.18 -10.49
N GLU A 249 22.44 18.23 -9.76
CA GLU A 249 21.77 19.52 -9.84
C GLU A 249 22.40 20.39 -10.91
N VAL A 250 21.53 21.00 -11.74
CA VAL A 250 21.95 21.89 -12.82
C VAL A 250 21.16 23.19 -12.74
N ILE A 251 21.54 24.16 -13.59
CA ILE A 251 20.85 25.45 -13.65
C ILE A 251 20.36 25.70 -15.09
N ILE A 252 19.03 25.85 -15.21
CA ILE A 252 18.37 26.25 -16.44
C ILE A 252 18.26 27.77 -16.46
N VAL A 253 18.62 28.39 -17.59
CA VAL A 253 18.73 29.85 -17.64
C VAL A 253 17.69 30.47 -18.59
N ARG A 254 17.04 29.66 -19.42
CA ARG A 254 16.08 30.15 -20.42
C ARG A 254 15.27 28.95 -20.91
N VAL A 255 13.99 29.17 -21.19
CA VAL A 255 13.14 28.12 -21.76
C VAL A 255 12.44 28.73 -22.98
N GLU A 256 12.41 27.97 -24.09
CA GLU A 256 11.67 28.38 -25.27
C GLU A 256 10.72 27.25 -25.70
N ILE A 257 9.58 27.67 -26.26
CA ILE A 257 8.63 26.77 -26.90
C ILE A 257 8.56 27.21 -28.37
N ASN A 258 9.06 26.38 -29.29
CA ASN A 258 9.14 26.78 -30.70
C ASN A 258 9.81 28.14 -30.86
N GLY A 259 10.93 28.35 -30.14
CA GLY A 259 11.70 29.56 -30.28
C GLY A 259 11.16 30.74 -29.47
N GLN A 260 9.93 30.62 -28.94
CA GLN A 260 9.36 31.74 -28.19
C GLN A 260 9.74 31.60 -26.71
N ASP A 261 10.36 32.65 -26.19
CA ASP A 261 10.81 32.71 -24.81
C ASP A 261 9.60 32.61 -23.87
N LEU A 262 9.67 31.70 -22.89
CA LEU A 262 8.65 31.63 -21.86
C LEU A 262 8.66 32.89 -20.99
N LYS A 263 9.82 33.56 -20.93
CA LYS A 263 9.99 34.91 -20.40
C LYS A 263 9.67 34.99 -18.90
N MET A 264 10.03 33.95 -18.17
CA MET A 264 9.89 33.96 -16.72
C MET A 264 11.22 34.37 -16.10
N ASP A 265 11.16 34.92 -14.88
CA ASP A 265 12.37 35.06 -14.08
C ASP A 265 13.03 33.69 -14.01
N CYS A 266 14.32 33.60 -14.37
CA CYS A 266 14.97 32.30 -14.50
C CYS A 266 15.04 31.54 -13.18
N LYS A 267 14.93 32.23 -12.04
CA LYS A 267 14.86 31.54 -10.76
C LYS A 267 13.69 30.57 -10.73
N GLU A 268 12.61 30.91 -11.44
CA GLU A 268 11.39 30.09 -11.46
C GLU A 268 11.72 28.72 -12.05
N TYR A 269 12.63 28.66 -13.03
CA TYR A 269 12.94 27.40 -13.69
C TYR A 269 13.66 26.43 -12.76
N ASN A 270 14.30 26.94 -11.70
CA ASN A 270 15.12 26.15 -10.80
C ASN A 270 14.60 26.20 -9.38
N TYR A 271 13.29 26.43 -9.23
CA TYR A 271 12.69 26.56 -7.92
C TYR A 271 12.09 25.21 -7.51
N ASP A 272 12.65 24.52 -6.50
CA ASP A 272 13.75 24.91 -5.63
C ASP A 272 15.07 24.25 -6.03
N LYS A 273 15.05 23.44 -7.11
CA LYS A 273 16.25 22.86 -7.71
C LYS A 273 15.86 22.39 -9.11
N SER A 274 16.88 22.10 -9.94
CA SER A 274 16.69 21.37 -11.18
C SER A 274 17.65 20.19 -11.19
N ILE A 275 17.14 18.99 -11.50
CA ILE A 275 17.98 17.80 -11.43
C ILE A 275 17.78 16.96 -12.68
N VAL A 276 18.77 16.08 -12.93
CA VAL A 276 18.68 15.07 -13.97
C VAL A 276 18.41 13.72 -13.29
N ASP A 277 17.25 13.12 -13.59
CA ASP A 277 16.77 11.96 -12.83
C ASP A 277 16.21 10.88 -13.76
N SER A 278 17.03 9.84 -14.01
CA SER A 278 16.61 8.70 -14.81
C SER A 278 15.53 7.87 -14.13
N GLY A 279 15.30 8.09 -12.81
CA GLY A 279 14.27 7.38 -12.05
C GLY A 279 12.91 8.07 -12.04
N THR A 280 12.76 9.13 -12.86
CA THR A 280 11.47 9.79 -13.08
C THR A 280 11.12 9.66 -14.56
N THR A 281 9.86 9.33 -14.87
CA THR A 281 9.45 9.22 -16.27
C THR A 281 9.45 10.58 -16.98
N ASN A 282 8.75 11.56 -16.37
CA ASN A 282 8.38 12.76 -17.09
C ASN A 282 9.45 13.85 -17.01
N LEU A 283 9.32 14.85 -17.90
CA LEU A 283 9.84 16.18 -17.60
C LEU A 283 8.88 16.81 -16.59
N ARG A 284 9.37 17.09 -15.38
CA ARG A 284 8.52 17.71 -14.36
C ARG A 284 8.98 19.14 -14.16
N LEU A 285 8.02 20.07 -14.09
CA LEU A 285 8.34 21.49 -14.02
C LEU A 285 7.68 22.09 -12.80
N PRO A 286 8.32 23.07 -12.12
CA PRO A 286 7.68 23.79 -11.03
C PRO A 286 6.32 24.34 -11.44
N LYS A 287 5.35 24.36 -10.52
CA LYS A 287 3.97 24.77 -10.80
C LYS A 287 3.85 25.95 -11.76
N LYS A 288 4.50 27.08 -11.45
N LYS A 288 4.53 27.07 -11.48
CA LYS A 288 4.34 28.29 -12.23
CA LYS A 288 4.34 28.30 -12.25
C LYS A 288 4.84 28.04 -13.66
C LYS A 288 4.94 28.17 -13.65
N VAL A 289 5.98 27.36 -13.77
CA VAL A 289 6.61 27.08 -15.06
C VAL A 289 5.74 26.11 -15.86
N PHE A 290 5.23 25.07 -15.18
CA PHE A 290 4.34 24.11 -15.82
C PHE A 290 3.14 24.84 -16.42
N GLU A 291 2.52 25.75 -15.66
CA GLU A 291 1.33 26.43 -16.12
C GLU A 291 1.66 27.26 -17.36
N ALA A 292 2.80 27.97 -17.35
CA ALA A 292 3.19 28.82 -18.47
C ALA A 292 3.52 27.95 -19.69
N ALA A 293 4.24 26.84 -19.47
CA ALA A 293 4.64 25.95 -20.55
C ALA A 293 3.41 25.32 -21.21
N VAL A 294 2.46 24.82 -20.41
CA VAL A 294 1.30 24.18 -21.00
CA VAL A 294 1.27 24.19 -20.96
C VAL A 294 0.45 25.20 -21.78
N LYS A 295 0.32 26.44 -21.28
CA LYS A 295 -0.37 27.49 -22.01
CA LYS A 295 -0.39 27.46 -22.03
C LYS A 295 0.26 27.64 -23.40
N SER A 296 1.60 27.71 -23.43
CA SER A 296 2.32 27.92 -24.67
C SER A 296 2.23 26.70 -25.60
N ILE A 297 2.31 25.48 -25.04
CA ILE A 297 2.22 24.29 -25.88
C ILE A 297 0.81 24.14 -26.45
N LYS A 298 -0.22 24.46 -25.64
CA LYS A 298 -1.59 24.48 -26.15
C LYS A 298 -1.73 25.48 -27.29
N ALA A 299 -1.18 26.69 -27.12
CA ALA A 299 -1.29 27.73 -28.15
C ALA A 299 -0.65 27.25 -29.46
N ALA A 300 0.52 26.60 -29.35
CA ALA A 300 1.26 26.17 -30.53
C ALA A 300 0.54 25.05 -31.27
N SER A 301 -0.17 24.20 -30.52
CA SER A 301 -0.81 23.00 -31.03
C SER A 301 -2.31 23.21 -31.28
N SER A 302 -2.76 24.48 -31.31
CA SER A 302 -4.18 24.83 -31.25
C SER A 302 -5.02 24.37 -32.45
N THR A 303 -4.39 23.93 -33.54
N THR A 303 -4.39 23.92 -33.54
CA THR A 303 -5.14 23.39 -34.67
CA THR A 303 -5.13 23.36 -34.66
C THR A 303 -5.86 22.09 -34.30
C THR A 303 -5.97 22.14 -34.23
N GLU A 304 -5.48 21.46 -33.18
N GLU A 304 -5.46 21.37 -33.26
CA GLU A 304 -6.22 20.34 -32.63
CA GLU A 304 -6.24 20.31 -32.64
C GLU A 304 -6.43 20.55 -31.13
C GLU A 304 -6.49 20.66 -31.18
N LYS A 305 -7.65 20.26 -30.66
CA LYS A 305 -8.01 20.46 -29.26
C LYS A 305 -8.03 19.13 -28.53
N PHE A 306 -7.44 19.12 -27.33
CA PHE A 306 -7.33 17.90 -26.53
C PHE A 306 -8.01 18.10 -25.20
N PRO A 307 -8.56 17.01 -24.59
CA PRO A 307 -9.22 17.13 -23.28
C PRO A 307 -8.24 17.56 -22.20
N ASP A 308 -8.78 18.13 -21.11
CA ASP A 308 -7.98 18.56 -19.98
C ASP A 308 -7.16 17.40 -19.43
N GLY A 309 -7.76 16.20 -19.42
CA GLY A 309 -7.11 15.00 -18.90
C GLY A 309 -5.81 14.67 -19.66
N PHE A 310 -5.76 15.00 -20.95
CA PHE A 310 -4.53 14.85 -21.71
C PHE A 310 -3.44 15.75 -21.14
N TRP A 311 -3.72 17.04 -20.96
CA TRP A 311 -2.73 17.99 -20.50
C TRP A 311 -2.32 17.74 -19.05
N LEU A 312 -3.18 17.05 -18.29
CA LEU A 312 -2.87 16.65 -16.92
C LEU A 312 -2.06 15.36 -16.86
N GLY A 313 -1.75 14.78 -18.04
CA GLY A 313 -0.83 13.66 -18.11
C GLY A 313 -1.50 12.33 -17.73
N GLU A 314 -2.84 12.35 -17.62
CA GLU A 314 -3.63 11.23 -17.12
C GLU A 314 -4.23 10.40 -18.26
N GLN A 315 -4.61 11.07 -19.35
CA GLN A 315 -5.45 10.46 -20.38
C GLN A 315 -4.65 10.36 -21.67
N LEU A 316 -4.83 9.26 -22.38
CA LEU A 316 -4.15 9.07 -23.67
C LEU A 316 -4.89 9.82 -24.78
N VAL A 317 -4.13 10.16 -25.82
N VAL A 317 -4.15 10.19 -25.82
CA VAL A 317 -4.66 10.64 -27.09
CA VAL A 317 -4.75 10.61 -27.08
C VAL A 317 -4.24 9.64 -28.16
C VAL A 317 -4.23 9.70 -28.19
N CYS A 318 -5.11 9.38 -29.13
CA CYS A 318 -4.84 8.41 -30.17
C CYS A 318 -5.07 9.02 -31.54
N TRP A 319 -4.25 8.59 -32.52
CA TRP A 319 -4.44 8.90 -33.93
C TRP A 319 -4.42 7.63 -34.74
N GLN A 320 -5.05 7.67 -35.92
CA GLN A 320 -4.98 6.54 -36.85
C GLN A 320 -3.51 6.22 -37.11
N ALA A 321 -3.22 4.92 -37.27
CA ALA A 321 -1.87 4.41 -37.49
C ALA A 321 -1.08 5.31 -38.44
N GLY A 322 0.08 5.80 -37.99
CA GLY A 322 0.99 6.54 -38.85
C GLY A 322 0.69 8.03 -38.96
N THR A 323 -0.44 8.48 -38.41
CA THR A 323 -0.91 9.84 -38.68
C THR A 323 -0.67 10.83 -37.54
N THR A 324 0.12 10.43 -36.53
CA THR A 324 0.39 11.36 -35.44
C THR A 324 0.87 12.70 -36.01
N PRO A 325 0.23 13.82 -35.65
CA PRO A 325 0.55 15.11 -36.27
C PRO A 325 1.70 15.79 -35.55
N TRP A 326 2.90 15.18 -35.63
CA TRP A 326 4.06 15.71 -34.93
C TRP A 326 4.22 17.21 -35.16
N ASN A 327 4.03 17.64 -36.42
CA ASN A 327 4.37 18.99 -36.85
C ASN A 327 3.52 20.05 -36.14
N ILE A 328 2.34 19.69 -35.59
CA ILE A 328 1.51 20.70 -34.92
C ILE A 328 2.03 20.97 -33.51
N PHE A 329 2.84 20.05 -32.96
CA PHE A 329 3.38 20.23 -31.63
C PHE A 329 4.74 20.91 -31.69
N PRO A 330 5.03 21.80 -30.72
CA PRO A 330 6.27 22.56 -30.76
C PRO A 330 7.47 21.79 -30.23
N VAL A 331 8.65 22.28 -30.60
CA VAL A 331 9.86 21.84 -29.93
C VAL A 331 10.01 22.63 -28.62
N ILE A 332 10.77 22.05 -27.68
CA ILE A 332 11.00 22.69 -26.40
C ILE A 332 12.51 22.77 -26.19
N SER A 333 13.01 23.98 -25.90
CA SER A 333 14.43 24.18 -25.65
C SER A 333 14.65 24.58 -24.20
N LEU A 334 15.59 23.90 -23.55
CA LEU A 334 16.08 24.30 -22.23
C LEU A 334 17.52 24.77 -22.41
N TYR A 335 17.77 26.01 -21.97
CA TYR A 335 19.13 26.54 -22.01
C TYR A 335 19.75 26.27 -20.64
N LEU A 336 20.97 25.73 -20.68
CA LEU A 336 21.70 25.36 -19.47
C LEU A 336 22.94 26.23 -19.36
N MET A 337 23.33 26.52 -18.11
CA MET A 337 24.55 27.24 -17.82
CA MET A 337 24.55 27.25 -17.83
C MET A 337 25.72 26.50 -18.44
N GLY A 338 26.62 27.23 -19.12
CA GLY A 338 27.81 26.62 -19.68
C GLY A 338 28.98 26.62 -18.69
N GLU A 339 30.11 26.06 -19.14
CA GLU A 339 31.30 26.04 -18.30
CA GLU A 339 31.39 25.98 -18.43
C GLU A 339 32.09 27.34 -18.41
N VAL A 340 31.88 28.11 -19.49
CA VAL A 340 32.58 29.37 -19.72
C VAL A 340 31.70 30.48 -19.16
N THR A 341 32.35 31.45 -18.50
N THR A 341 32.33 31.45 -18.47
CA THR A 341 31.68 32.63 -17.97
CA THR A 341 31.63 32.58 -17.90
C THR A 341 30.77 33.25 -19.04
C THR A 341 30.79 33.27 -18.99
N ASN A 342 29.52 33.52 -18.66
CA ASN A 342 28.55 34.20 -19.51
C ASN A 342 28.19 33.44 -20.78
N GLN A 343 28.39 32.11 -20.80
CA GLN A 343 28.00 31.29 -21.94
C GLN A 343 26.93 30.29 -21.50
N SER A 344 25.91 30.10 -22.33
CA SER A 344 24.98 28.99 -22.19
C SER A 344 24.93 28.15 -23.47
N PHE A 345 24.27 27.01 -23.38
CA PHE A 345 23.92 26.23 -24.56
C PHE A 345 22.48 25.78 -24.39
N ARG A 346 21.89 25.22 -25.45
CA ARG A 346 20.52 24.73 -25.35
C ARG A 346 20.43 23.27 -25.78
N ILE A 347 19.48 22.57 -25.15
CA ILE A 347 19.07 21.26 -25.60
C ILE A 347 17.62 21.40 -26.07
N THR A 348 17.33 20.78 -27.23
CA THR A 348 16.01 20.90 -27.82
C THR A 348 15.40 19.52 -28.01
N ILE A 349 14.19 19.34 -27.47
CA ILE A 349 13.46 18.10 -27.63
C ILE A 349 12.24 18.30 -28.52
N LEU A 350 11.79 17.18 -29.06
CA LEU A 350 10.68 17.11 -29.98
C LEU A 350 9.48 16.54 -29.26
N PRO A 351 8.26 16.66 -29.84
CA PRO A 351 7.12 15.90 -29.32
C PRO A 351 7.37 14.39 -29.31
N GLN A 352 8.28 13.90 -30.16
CA GLN A 352 8.60 12.47 -30.10
C GLN A 352 9.26 12.09 -28.77
N GLN A 353 9.81 13.07 -28.03
CA GLN A 353 10.29 12.83 -26.67
C GLN A 353 9.17 13.06 -25.64
N TYR A 354 8.45 14.20 -25.72
CA TYR A 354 7.56 14.54 -24.61
C TYR A 354 6.15 13.96 -24.74
N LEU A 355 5.85 13.28 -25.87
CA LEU A 355 4.66 12.45 -25.98
C LEU A 355 5.11 10.99 -25.84
N ARG A 356 4.69 10.37 -24.73
CA ARG A 356 5.16 9.03 -24.39
C ARG A 356 4.24 8.00 -25.01
N PRO A 357 4.74 7.10 -25.89
CA PRO A 357 3.90 6.05 -26.47
C PRO A 357 3.30 5.14 -25.40
N VAL A 358 2.00 4.86 -25.56
CA VAL A 358 1.27 3.98 -24.67
C VAL A 358 0.34 3.10 -25.50
N GLU A 359 -0.05 1.96 -24.92
CA GLU A 359 -1.04 1.09 -25.50
C GLU A 359 -2.45 1.61 -25.23
N ASP A 360 -3.32 1.37 -26.21
CA ASP A 360 -4.77 1.58 -26.15
C ASP A 360 -5.41 0.51 -25.28
N VAL A 361 -6.67 0.75 -24.88
CA VAL A 361 -7.46 -0.22 -24.12
C VAL A 361 -7.81 -1.44 -25.00
N ALA A 362 -7.98 -1.20 -26.31
CA ALA A 362 -8.40 -2.21 -27.26
C ALA A 362 -7.20 -2.92 -27.89
N THR A 363 -5.99 -2.41 -27.59
CA THR A 363 -4.76 -2.77 -28.29
C THR A 363 -4.97 -2.68 -29.81
N SER A 364 -5.55 -1.55 -30.24
CA SER A 364 -5.88 -1.25 -31.63
C SER A 364 -4.61 -0.93 -32.40
N GLN A 365 -4.77 -0.59 -33.70
CA GLN A 365 -3.65 -0.17 -34.51
C GLN A 365 -3.39 1.33 -34.43
N ASP A 366 -4.17 2.07 -33.62
CA ASP A 366 -3.92 3.49 -33.46
C ASP A 366 -2.57 3.71 -32.79
N ASP A 367 -1.97 4.88 -33.05
CA ASP A 367 -0.78 5.32 -32.33
C ASP A 367 -1.22 6.27 -31.22
N CYS A 368 -0.93 5.88 -29.97
CA CYS A 368 -1.44 6.57 -28.81
C CYS A 368 -0.32 7.02 -27.89
N TYR A 369 -0.58 8.10 -27.16
CA TYR A 369 0.45 8.71 -26.33
C TYR A 369 -0.16 9.37 -25.10
N LYS A 370 0.68 9.54 -24.07
CA LYS A 370 0.37 10.44 -22.97
C LYS A 370 1.33 11.61 -22.98
N PHE A 371 0.85 12.74 -22.47
CA PHE A 371 1.66 13.94 -22.34
C PHE A 371 2.59 13.74 -21.15
N ALA A 372 3.90 13.72 -21.40
CA ALA A 372 4.89 13.37 -20.38
C ALA A 372 5.59 14.59 -19.83
N ILE A 373 4.85 15.70 -19.72
CA ILE A 373 5.28 16.87 -18.96
C ILE A 373 4.26 17.07 -17.84
N SER A 374 4.75 17.25 -16.61
CA SER A 374 3.84 17.31 -15.48
C SER A 374 4.37 18.26 -14.40
N GLN A 375 3.50 18.62 -13.47
CA GLN A 375 3.80 19.61 -12.44
C GLN A 375 4.62 18.98 -11.32
N SER A 376 5.53 19.79 -10.76
CA SER A 376 6.36 19.45 -9.62
C SER A 376 6.20 20.49 -8.51
N SER A 377 6.36 20.04 -7.25
CA SER A 377 6.51 20.96 -6.11
C SER A 377 7.93 20.87 -5.53
N THR A 378 8.83 20.17 -6.23
CA THR A 378 10.16 19.87 -5.71
C THR A 378 11.22 20.20 -6.79
N GLY A 379 10.85 21.10 -7.69
CA GLY A 379 11.79 21.60 -8.68
C GLY A 379 11.63 20.95 -10.05
N THR A 380 12.45 21.37 -10.99
CA THR A 380 12.49 20.74 -12.31
C THR A 380 13.13 19.36 -12.19
N VAL A 381 12.52 18.38 -12.88
CA VAL A 381 13.10 17.06 -12.98
C VAL A 381 13.23 16.74 -14.46
N MET A 382 14.47 16.61 -14.93
CA MET A 382 14.71 16.15 -16.28
C MET A 382 14.73 14.62 -16.26
N GLY A 383 13.54 14.05 -16.49
CA GLY A 383 13.35 12.61 -16.40
C GLY A 383 13.68 11.87 -17.69
N ALA A 384 13.25 10.60 -17.72
CA ALA A 384 13.62 9.67 -18.77
C ALA A 384 13.20 10.17 -20.15
N VAL A 385 12.00 10.77 -20.27
CA VAL A 385 11.58 11.18 -21.61
C VAL A 385 12.47 12.28 -22.19
N ILE A 386 13.05 13.15 -21.35
N ILE A 386 13.09 13.12 -21.36
CA ILE A 386 14.06 14.12 -21.77
CA ILE A 386 14.00 14.10 -21.92
C ILE A 386 15.33 13.37 -22.14
C ILE A 386 15.41 13.50 -22.07
N MET A 387 15.81 12.56 -21.20
CA MET A 387 17.07 11.85 -21.39
C MET A 387 17.07 10.99 -22.67
N GLU A 388 15.91 10.51 -23.12
CA GLU A 388 15.81 9.73 -24.34
C GLU A 388 16.26 10.53 -25.57
N GLY A 389 16.27 11.88 -25.48
CA GLY A 389 16.76 12.67 -26.60
C GLY A 389 18.28 12.72 -26.72
N PHE A 390 18.99 12.39 -25.62
CA PHE A 390 20.37 12.79 -25.48
C PHE A 390 21.23 11.66 -24.94
N TYR A 391 22.52 11.72 -25.30
CA TYR A 391 23.52 10.99 -24.54
C TYR A 391 23.97 11.91 -23.43
N VAL A 392 23.89 11.42 -22.19
CA VAL A 392 24.13 12.24 -21.01
C VAL A 392 25.34 11.71 -20.27
N VAL A 393 26.33 12.58 -20.10
CA VAL A 393 27.59 12.21 -19.47
C VAL A 393 27.62 12.77 -18.06
N PHE A 394 27.69 11.87 -17.07
CA PHE A 394 27.76 12.27 -15.66
C PHE A 394 29.23 12.29 -15.28
N ASP A 395 29.86 13.44 -15.52
CA ASP A 395 31.30 13.59 -15.35
C ASP A 395 31.55 14.05 -13.92
N ARG A 396 31.54 13.08 -13.00
CA ARG A 396 31.70 13.37 -11.58
C ARG A 396 33.10 13.95 -11.33
N ALA A 397 34.11 13.46 -12.05
CA ALA A 397 35.49 13.88 -11.84
C ALA A 397 35.66 15.39 -12.07
N ARG A 398 34.95 15.93 -13.06
CA ARG A 398 35.04 17.34 -13.45
C ARG A 398 33.78 18.13 -13.05
N LYS A 399 32.91 17.53 -12.22
CA LYS A 399 31.75 18.20 -11.65
CA LYS A 399 31.74 18.20 -11.66
C LYS A 399 30.92 18.85 -12.76
N ARG A 400 30.57 18.06 -13.78
CA ARG A 400 29.83 18.58 -14.92
C ARG A 400 28.98 17.48 -15.55
N ILE A 401 27.91 17.88 -16.25
N ILE A 401 27.91 17.89 -16.24
CA ILE A 401 27.09 16.95 -16.99
CA ILE A 401 27.02 17.02 -16.99
C ILE A 401 27.09 17.37 -18.46
C ILE A 401 27.12 17.39 -18.46
N GLY A 402 27.40 16.41 -19.32
CA GLY A 402 27.45 16.63 -20.76
C GLY A 402 26.18 16.15 -21.45
N PHE A 403 25.78 16.90 -22.49
CA PHE A 403 24.65 16.50 -23.33
C PHE A 403 25.10 16.50 -24.77
N ALA A 404 24.70 15.46 -25.51
CA ALA A 404 24.84 15.43 -26.96
C ALA A 404 23.59 14.77 -27.53
N VAL A 405 23.28 15.07 -28.79
CA VAL A 405 22.15 14.43 -29.44
C VAL A 405 22.36 12.91 -29.44
N SER A 406 21.33 12.15 -29.01
CA SER A 406 21.46 10.70 -28.96
C SER A 406 21.36 10.09 -30.35
N ALA A 407 22.22 9.11 -30.62
CA ALA A 407 22.12 8.31 -31.84
C ALA A 407 20.83 7.49 -31.89
N CYS A 408 20.12 7.35 -30.75
CA CYS A 408 18.88 6.57 -30.74
C CYS A 408 17.65 7.43 -30.43
N HIS A 409 17.73 8.76 -30.61
CA HIS A 409 16.52 9.53 -30.36
C HIS A 409 15.52 9.36 -31.50
N VAL A 410 14.24 9.41 -31.15
CA VAL A 410 13.15 9.32 -32.11
C VAL A 410 12.91 10.69 -32.73
N HIS A 411 12.78 10.73 -34.06
CA HIS A 411 12.52 12.01 -34.73
C HIS A 411 11.73 11.75 -36.01
N ASP A 412 11.60 12.76 -36.86
CA ASP A 412 10.93 12.62 -38.14
C ASP A 412 11.84 13.17 -39.23
N GLU A 413 11.34 13.24 -40.47
CA GLU A 413 12.15 13.66 -41.60
CA GLU A 413 12.13 13.66 -41.61
C GLU A 413 12.42 15.16 -41.59
N PHE A 414 11.69 15.92 -40.74
CA PHE A 414 11.73 17.39 -40.80
C PHE A 414 12.50 18.01 -39.65
N ARG A 415 12.54 17.32 -38.49
CA ARG A 415 13.08 17.87 -37.26
C ARG A 415 13.85 16.79 -36.50
N THR A 416 14.92 17.22 -35.83
CA THR A 416 15.65 16.34 -34.91
CA THR A 416 15.75 16.39 -34.96
C THR A 416 15.87 17.06 -33.60
N ALA A 417 16.15 16.28 -32.55
CA ALA A 417 16.63 16.87 -31.31
C ALA A 417 17.95 17.61 -31.59
N ALA A 418 18.32 18.54 -30.69
CA ALA A 418 19.52 19.33 -30.91
C ALA A 418 20.22 19.66 -29.60
N VAL A 419 21.54 19.86 -29.69
CA VAL A 419 22.32 20.46 -28.62
C VAL A 419 23.20 21.49 -29.31
N GLU A 420 23.03 22.76 -28.93
CA GLU A 420 23.57 23.86 -29.72
C GLU A 420 24.11 24.95 -28.79
N GLY A 421 25.18 25.61 -29.24
CA GLY A 421 25.70 26.74 -28.50
C GLY A 421 26.88 27.36 -29.25
N PRO A 422 27.48 28.41 -28.68
CA PRO A 422 27.14 29.01 -27.40
C PRO A 422 26.22 30.22 -27.58
N PHE A 423 25.61 30.64 -26.47
CA PHE A 423 24.84 31.87 -26.38
C PHE A 423 25.41 32.73 -25.26
N VAL A 424 25.50 34.03 -25.50
CA VAL A 424 25.87 34.96 -24.45
C VAL A 424 24.68 35.09 -23.50
N THR A 425 24.89 34.73 -22.24
CA THR A 425 23.87 34.82 -21.21
C THR A 425 24.51 35.38 -19.93
N LEU A 426 23.94 36.48 -19.43
CA LEU A 426 24.47 37.16 -18.27
C LEU A 426 23.75 36.70 -17.00
N ASP A 427 24.45 36.86 -15.88
CA ASP A 427 23.93 36.71 -14.52
C ASP A 427 23.29 35.34 -14.32
N MET A 428 23.96 34.28 -14.79
CA MET A 428 23.38 32.94 -14.78
C MET A 428 23.34 32.36 -13.37
N GLU A 429 24.29 32.75 -12.51
CA GLU A 429 24.30 32.25 -11.14
C GLU A 429 23.02 32.68 -10.41
N ASP A 430 22.45 33.82 -10.82
CA ASP A 430 21.24 34.39 -10.24
C ASP A 430 20.03 33.51 -10.51
N CYS A 431 20.14 32.59 -11.48
CA CYS A 431 19.04 31.70 -11.82
C CYS A 431 18.90 30.58 -10.79
N GLY A 432 19.98 30.33 -10.04
CA GLY A 432 19.99 29.31 -9.00
C GLY A 432 19.20 29.76 -7.78
N TYR A 433 18.46 28.83 -7.18
CA TYR A 433 17.67 29.13 -6.01
C TYR A 433 18.48 28.85 -4.74
N ASN A 434 18.32 29.74 -3.74
CA ASN A 434 19.03 29.63 -2.47
C ASN A 434 18.05 29.39 -1.33
N PHE B 48 -35.28 -3.89 27.43
CA PHE B 48 -35.21 -5.32 26.95
C PHE B 48 -34.50 -6.17 28.00
N VAL B 49 -34.99 -6.07 29.24
CA VAL B 49 -34.34 -6.56 30.45
C VAL B 49 -34.06 -8.07 30.33
N GLU B 50 -34.98 -8.78 29.67
CA GLU B 50 -34.94 -10.23 29.55
C GLU B 50 -33.72 -10.68 28.75
N MET B 51 -33.19 -9.80 27.88
CA MET B 51 -32.08 -10.13 27.00
C MET B 51 -30.75 -9.58 27.50
N VAL B 52 -30.78 -8.60 28.42
CA VAL B 52 -29.54 -8.11 29.00
C VAL B 52 -28.81 -9.26 29.68
N ASP B 53 -27.49 -9.35 29.45
CA ASP B 53 -26.61 -10.31 30.12
C ASP B 53 -26.83 -11.74 29.61
N ASN B 54 -27.26 -11.88 28.35
CA ASN B 54 -27.53 -13.20 27.78
C ASN B 54 -26.31 -13.81 27.07
N LEU B 55 -25.15 -13.12 27.06
CA LEU B 55 -23.96 -13.66 26.43
C LEU B 55 -22.93 -14.08 27.47
N ARG B 56 -22.09 -15.05 27.08
CA ARG B 56 -20.90 -15.43 27.83
CA ARG B 56 -20.91 -15.44 27.82
C ARG B 56 -19.75 -15.57 26.83
N GLY B 57 -18.53 -15.54 27.36
CA GLY B 57 -17.36 -15.79 26.54
C GLY B 57 -16.33 -14.67 26.67
N LYS B 58 -15.43 -14.61 25.68
CA LYS B 58 -14.32 -13.66 25.71
C LYS B 58 -13.76 -13.54 24.29
N SER B 59 -12.92 -12.53 24.05
CA SER B 59 -12.51 -12.24 22.68
C SER B 59 -11.72 -13.39 22.05
N GLY B 60 -10.90 -14.10 22.83
CA GLY B 60 -10.02 -15.12 22.28
C GLY B 60 -10.75 -16.40 21.88
N GLN B 61 -11.96 -16.62 22.43
CA GLN B 61 -12.65 -17.88 22.21
C GLN B 61 -14.05 -17.66 21.63
N GLY B 62 -14.54 -16.42 21.65
CA GLY B 62 -15.86 -16.09 21.12
C GLY B 62 -16.90 -15.84 22.20
N TYR B 63 -17.93 -15.07 21.82
CA TYR B 63 -19.09 -14.80 22.66
C TYR B 63 -20.26 -15.63 22.15
N TYR B 64 -21.01 -16.23 23.07
CA TYR B 64 -22.06 -17.16 22.68
C TYR B 64 -23.35 -16.90 23.47
N VAL B 65 -24.46 -17.33 22.85
CA VAL B 65 -25.81 -17.21 23.39
C VAL B 65 -26.39 -18.62 23.48
N GLU B 66 -27.27 -18.85 24.48
CA GLU B 66 -27.98 -20.12 24.56
C GLU B 66 -29.11 -20.15 23.53
N MET B 67 -29.24 -21.28 22.84
CA MET B 67 -30.36 -21.53 21.93
C MET B 67 -30.89 -22.93 22.16
N THR B 68 -32.11 -23.17 21.66
CA THR B 68 -32.61 -24.53 21.61
C THR B 68 -32.97 -24.89 20.18
N VAL B 69 -32.78 -26.17 19.85
CA VAL B 69 -33.15 -26.69 18.55
C VAL B 69 -33.95 -27.97 18.76
N GLY B 70 -34.99 -28.17 17.95
CA GLY B 70 -35.67 -29.45 17.92
C GLY B 70 -36.80 -29.56 18.94
N SER B 71 -37.52 -30.68 18.84
CA SER B 71 -38.66 -31.00 19.69
C SER B 71 -38.49 -32.43 20.21
N PRO B 72 -38.37 -32.61 21.54
CA PRO B 72 -38.27 -31.58 22.55
C PRO B 72 -37.00 -30.76 22.42
N PRO B 73 -36.95 -29.55 23.02
CA PRO B 73 -35.81 -28.67 22.82
C PRO B 73 -34.48 -29.24 23.32
N GLN B 74 -33.47 -29.13 22.45
CA GLN B 74 -32.10 -29.48 22.78
C GLN B 74 -31.32 -28.18 22.96
N THR B 75 -30.78 -27.97 24.15
CA THR B 75 -30.07 -26.74 24.48
C THR B 75 -28.64 -26.81 23.96
N LEU B 76 -28.19 -25.74 23.28
CA LEU B 76 -26.82 -25.62 22.82
C LEU B 76 -26.35 -24.18 23.04
N ASN B 77 -25.03 -24.03 23.23
CA ASN B 77 -24.41 -22.71 23.24
C ASN B 77 -23.88 -22.38 21.86
N ILE B 78 -24.19 -21.16 21.38
CA ILE B 78 -23.99 -20.83 19.98
C ILE B 78 -23.22 -19.52 19.84
N LEU B 79 -22.08 -19.60 19.15
CA LEU B 79 -21.24 -18.43 18.87
C LEU B 79 -22.01 -17.38 18.07
N VAL B 80 -21.96 -16.12 18.52
CA VAL B 80 -22.52 -15.01 17.78
C VAL B 80 -21.50 -14.60 16.72
N ASP B 81 -21.84 -14.78 15.44
CA ASP B 81 -20.89 -14.54 14.35
C ASP B 81 -21.49 -13.60 13.31
N THR B 82 -21.14 -12.32 13.39
CA THR B 82 -21.66 -11.36 12.43
C THR B 82 -20.89 -11.42 11.11
N GLY B 83 -19.87 -12.28 11.00
CA GLY B 83 -19.05 -12.41 9.80
C GLY B 83 -19.42 -13.57 8.87
N SER B 84 -20.50 -14.29 9.17
CA SER B 84 -20.97 -15.38 8.31
C SER B 84 -22.49 -15.45 8.40
N SER B 85 -23.11 -16.38 7.66
CA SER B 85 -24.56 -16.32 7.48
C SER B 85 -25.27 -17.67 7.61
N ASN B 86 -24.58 -18.69 8.13
CA ASN B 86 -25.19 -19.99 8.37
C ASN B 86 -25.39 -20.22 9.87
N PHE B 87 -26.51 -20.86 10.20
CA PHE B 87 -26.69 -21.46 11.52
C PHE B 87 -26.19 -22.89 11.42
N ALA B 88 -25.07 -23.18 12.11
CA ALA B 88 -24.40 -24.46 11.94
C ALA B 88 -24.04 -24.99 13.32
N VAL B 89 -24.41 -26.24 13.61
CA VAL B 89 -24.29 -26.78 14.96
C VAL B 89 -23.62 -28.14 14.89
N GLY B 90 -22.72 -28.40 15.86
CA GLY B 90 -22.19 -29.75 16.04
C GLY B 90 -23.33 -30.77 16.09
N ALA B 91 -23.21 -31.84 15.31
CA ALA B 91 -24.28 -32.83 15.21
C ALA B 91 -23.74 -34.25 15.29
N ALA B 92 -22.50 -34.38 15.75
CA ALA B 92 -21.85 -35.67 15.94
C ALA B 92 -20.78 -35.50 17.01
N PRO B 93 -20.40 -36.58 17.74
CA PRO B 93 -19.34 -36.49 18.76
C PRO B 93 -18.06 -35.84 18.26
N HIS B 94 -17.46 -35.01 19.11
CA HIS B 94 -16.17 -34.39 18.87
C HIS B 94 -15.48 -34.26 20.22
N PRO B 95 -14.13 -34.44 20.30
CA PRO B 95 -13.41 -34.33 21.57
C PRO B 95 -13.65 -33.04 22.36
N PHE B 96 -14.02 -31.96 21.65
CA PHE B 96 -14.18 -30.65 22.27
C PHE B 96 -15.66 -30.27 22.45
N LEU B 97 -16.57 -31.20 22.12
CA LEU B 97 -17.99 -30.98 22.31
C LEU B 97 -18.50 -31.80 23.50
N HIS B 98 -19.21 -31.15 24.41
CA HIS B 98 -19.85 -31.83 25.54
C HIS B 98 -21.26 -32.27 25.16
N ARG B 99 -21.82 -31.62 24.13
CA ARG B 99 -23.13 -31.97 23.61
C ARG B 99 -23.21 -31.59 22.14
N TYR B 100 -24.22 -32.15 21.46
CA TYR B 100 -24.41 -31.92 20.05
C TYR B 100 -25.88 -32.17 19.70
N TYR B 101 -26.27 -31.63 18.55
CA TYR B 101 -27.62 -31.78 18.02
C TYR B 101 -27.84 -33.23 17.56
N GLN B 102 -28.90 -33.85 18.11
CA GLN B 102 -29.28 -35.22 17.77
C GLN B 102 -30.58 -35.18 16.95
N ARG B 103 -30.42 -35.18 15.63
CA ARG B 103 -31.55 -35.02 14.72
C ARG B 103 -32.59 -36.13 14.92
N GLN B 104 -32.13 -37.34 15.22
CA GLN B 104 -33.01 -38.51 15.34
C GLN B 104 -33.94 -38.36 16.55
N LEU B 105 -33.62 -37.45 17.48
CA LEU B 105 -34.41 -37.27 18.69
C LEU B 105 -35.37 -36.08 18.55
N SER B 106 -35.39 -35.42 17.38
CA SER B 106 -36.26 -34.29 17.16
C SER B 106 -37.41 -34.66 16.22
N SER B 107 -38.65 -34.55 16.72
CA SER B 107 -39.83 -34.89 15.94
C SER B 107 -40.06 -33.88 14.81
N THR B 108 -39.45 -32.70 14.92
CA THR B 108 -39.70 -31.60 13.98
C THR B 108 -38.56 -31.46 12.99
N TYR B 109 -37.55 -32.34 13.07
CA TYR B 109 -36.45 -32.33 12.12
C TYR B 109 -36.96 -32.59 10.70
N ARG B 110 -36.47 -31.79 9.74
CA ARG B 110 -36.67 -32.02 8.32
C ARG B 110 -35.31 -32.09 7.63
N ASP B 111 -35.11 -33.14 6.84
CA ASP B 111 -33.86 -33.35 6.11
C ASP B 111 -33.96 -32.68 4.74
N LEU B 112 -33.02 -31.78 4.43
CA LEU B 112 -33.02 -31.13 3.12
C LEU B 112 -32.25 -31.95 2.08
N ARG B 113 -31.63 -33.06 2.52
CA ARG B 113 -30.98 -34.02 1.63
CA ARG B 113 -30.95 -34.03 1.66
C ARG B 113 -29.89 -33.33 0.79
N LYS B 114 -29.07 -32.51 1.45
CA LYS B 114 -28.02 -31.77 0.76
C LYS B 114 -26.88 -31.52 1.74
N GLY B 115 -25.63 -31.70 1.26
CA GLY B 115 -24.44 -31.42 2.02
C GLY B 115 -23.99 -29.97 1.86
N VAL B 116 -23.14 -29.52 2.80
CA VAL B 116 -22.53 -28.21 2.74
C VAL B 116 -21.09 -28.36 3.23
N TYR B 117 -20.15 -27.72 2.51
CA TYR B 117 -18.72 -27.84 2.79
C TYR B 117 -18.14 -26.43 2.85
N VAL B 118 -17.57 -26.07 4.00
CA VAL B 118 -17.12 -24.71 4.26
C VAL B 118 -15.67 -24.72 4.73
N PRO B 119 -14.69 -24.90 3.82
CA PRO B 119 -13.29 -24.67 4.15
C PRO B 119 -12.99 -23.16 4.19
N TYR B 120 -12.16 -22.77 5.16
CA TYR B 120 -11.73 -21.39 5.31
C TYR B 120 -10.23 -21.40 5.67
N THR B 121 -9.66 -20.22 5.91
CA THR B 121 -8.21 -20.08 6.00
C THR B 121 -7.65 -21.00 7.10
N GLN B 122 -8.19 -20.89 8.31
CA GLN B 122 -7.56 -21.55 9.44
C GLN B 122 -8.35 -22.78 9.89
N GLY B 123 -9.31 -23.26 9.08
CA GLY B 123 -10.13 -24.37 9.50
C GLY B 123 -11.22 -24.74 8.50
N LYS B 124 -12.13 -25.63 8.92
CA LYS B 124 -13.23 -26.03 8.06
C LYS B 124 -14.37 -26.60 8.91
N TRP B 125 -15.58 -26.44 8.38
CA TRP B 125 -16.72 -27.21 8.87
C TRP B 125 -17.48 -27.75 7.67
N GLU B 126 -18.09 -28.93 7.84
CA GLU B 126 -18.93 -29.50 6.80
C GLU B 126 -20.06 -30.27 7.46
N GLY B 127 -21.17 -30.40 6.73
CA GLY B 127 -22.26 -31.16 7.30
C GLY B 127 -23.46 -31.25 6.36
N GLU B 128 -24.63 -31.43 6.97
CA GLU B 128 -25.84 -31.83 6.27
C GLU B 128 -26.92 -30.82 6.58
N LEU B 129 -27.58 -30.33 5.52
CA LEU B 129 -28.60 -29.32 5.69
C LEU B 129 -29.94 -29.93 6.09
N GLY B 130 -30.67 -29.16 6.88
CA GLY B 130 -32.01 -29.51 7.33
C GLY B 130 -32.71 -28.28 7.90
N THR B 131 -33.93 -28.47 8.42
CA THR B 131 -34.60 -27.42 9.15
C THR B 131 -35.14 -28.00 10.45
N ASP B 132 -35.38 -27.12 11.41
CA ASP B 132 -36.00 -27.52 12.67
C ASP B 132 -36.55 -26.27 13.34
N LEU B 133 -37.27 -26.48 14.45
CA LEU B 133 -37.74 -25.39 15.29
C LEU B 133 -36.61 -24.92 16.21
N VAL B 134 -36.49 -23.60 16.32
CA VAL B 134 -35.38 -22.97 17.02
C VAL B 134 -35.93 -21.88 17.94
N SER B 135 -35.38 -21.77 19.15
CA SER B 135 -35.72 -20.73 20.11
CA SER B 135 -35.71 -20.67 20.03
C SER B 135 -34.45 -20.15 20.72
N ILE B 136 -34.59 -18.95 21.32
CA ILE B 136 -33.53 -18.32 22.08
C ILE B 136 -34.11 -18.06 23.48
N PRO B 137 -33.79 -18.91 24.49
CA PRO B 137 -34.40 -18.76 25.82
C PRO B 137 -34.33 -17.37 26.44
N HIS B 138 -33.17 -16.71 26.30
CA HIS B 138 -33.00 -15.36 26.80
C HIS B 138 -33.03 -14.38 25.63
N GLY B 139 -34.01 -14.61 24.75
CA GLY B 139 -34.23 -13.78 23.58
C GLY B 139 -35.71 -13.45 23.48
N PRO B 140 -36.24 -13.15 22.27
CA PRO B 140 -37.68 -12.95 22.12
C PRO B 140 -38.42 -14.25 22.42
N ASN B 141 -39.67 -14.11 22.87
CA ASN B 141 -40.50 -15.25 23.22
C ASN B 141 -41.18 -15.77 21.96
N VAL B 142 -40.37 -16.35 21.07
CA VAL B 142 -40.85 -16.87 19.79
C VAL B 142 -40.08 -18.14 19.48
N THR B 143 -40.67 -18.96 18.60
CA THR B 143 -40.03 -20.15 18.06
C THR B 143 -40.19 -20.07 16.55
N VAL B 144 -39.10 -20.32 15.82
CA VAL B 144 -39.18 -20.20 14.37
C VAL B 144 -38.65 -21.47 13.71
N ARG B 145 -39.08 -21.71 12.47
CA ARG B 145 -38.51 -22.80 11.71
C ARG B 145 -37.35 -22.24 10.91
N ALA B 146 -36.16 -22.80 11.13
CA ALA B 146 -34.95 -22.25 10.54
C ALA B 146 -34.10 -23.34 9.92
N ASN B 147 -33.28 -22.94 8.93
CA ASN B 147 -32.25 -23.81 8.40
C ASN B 147 -31.20 -24.10 9.47
N ILE B 148 -30.72 -25.35 9.49
CA ILE B 148 -29.64 -25.77 10.37
C ILE B 148 -28.68 -26.63 9.57
N ALA B 149 -27.40 -26.27 9.59
CA ALA B 149 -26.36 -27.14 9.05
C ALA B 149 -25.85 -28.02 10.19
N ALA B 150 -26.11 -29.33 10.09
CA ALA B 150 -25.70 -30.29 11.09
C ALA B 150 -24.25 -30.68 10.81
N ILE B 151 -23.30 -30.19 11.62
CA ILE B 151 -21.88 -30.38 11.36
C ILE B 151 -21.48 -31.81 11.71
N THR B 152 -20.94 -32.52 10.71
CA THR B 152 -20.57 -33.91 10.85
C THR B 152 -19.04 -34.09 10.84
N GLU B 153 -18.32 -33.09 10.30
CA GLU B 153 -16.86 -33.13 10.22
C GLU B 153 -16.35 -31.69 10.34
N SER B 154 -15.21 -31.51 10.98
CA SER B 154 -14.64 -30.19 11.17
C SER B 154 -13.14 -30.30 11.44
N ASP B 155 -12.43 -29.20 11.19
CA ASP B 155 -11.01 -29.11 11.49
C ASP B 155 -10.73 -27.72 12.05
N LYS B 156 -10.17 -27.69 13.26
CA LYS B 156 -9.74 -26.48 13.95
C LYS B 156 -10.90 -25.47 14.05
N PHE B 157 -12.11 -26.00 14.23
CA PHE B 157 -13.32 -25.19 14.30
C PHE B 157 -13.78 -25.11 15.75
N PHE B 158 -14.15 -26.25 16.32
CA PHE B 158 -14.44 -26.30 17.74
C PHE B 158 -13.17 -25.99 18.51
N ILE B 159 -13.35 -25.20 19.57
CA ILE B 159 -12.27 -24.71 20.40
C ILE B 159 -12.39 -25.40 21.76
N ASN B 160 -11.32 -26.08 22.16
CA ASN B 160 -11.22 -26.76 23.45
C ASN B 160 -11.44 -25.73 24.56
N GLY B 161 -12.57 -25.89 25.26
CA GLY B 161 -12.88 -25.09 26.44
C GLY B 161 -13.74 -23.85 26.17
N SER B 162 -14.16 -23.63 24.90
CA SER B 162 -14.87 -22.43 24.50
C SER B 162 -16.33 -22.41 24.99
N ASN B 163 -16.88 -23.60 25.22
CA ASN B 163 -18.22 -23.84 25.74
CA ASN B 163 -18.23 -23.76 25.76
C ASN B 163 -19.30 -23.59 24.67
N TRP B 164 -18.91 -23.39 23.41
CA TRP B 164 -19.92 -23.33 22.36
C TRP B 164 -19.88 -24.56 21.44
N GLU B 165 -21.06 -24.87 20.91
CA GLU B 165 -21.29 -26.12 20.18
C GLU B 165 -21.79 -25.85 18.75
N GLY B 166 -21.90 -24.58 18.37
CA GLY B 166 -22.36 -24.21 17.04
C GLY B 166 -22.20 -22.72 16.85
N ILE B 167 -22.59 -22.21 15.68
CA ILE B 167 -22.39 -20.81 15.31
C ILE B 167 -23.67 -20.26 14.70
N LEU B 168 -23.95 -19.00 15.03
CA LEU B 168 -25.08 -18.26 14.50
C LEU B 168 -24.56 -17.18 13.57
N GLY B 169 -24.60 -17.47 12.26
CA GLY B 169 -24.17 -16.48 11.28
C GLY B 169 -25.27 -15.43 11.08
N LEU B 170 -24.95 -14.19 11.43
CA LEU B 170 -25.94 -13.12 11.47
C LEU B 170 -25.88 -12.20 10.26
N ALA B 171 -24.96 -12.47 9.32
CA ALA B 171 -24.85 -11.66 8.11
C ALA B 171 -25.87 -12.12 7.08
N TYR B 172 -25.75 -11.60 5.85
CA TYR B 172 -26.84 -11.67 4.88
C TYR B 172 -26.72 -12.90 3.97
N ALA B 173 -27.81 -13.20 3.25
CA ALA B 173 -27.93 -14.38 2.41
C ALA B 173 -26.83 -14.48 1.35
N GLU B 174 -26.33 -13.34 0.85
CA GLU B 174 -25.35 -13.39 -0.24
C GLU B 174 -24.18 -14.32 0.09
N ILE B 175 -23.79 -14.38 1.38
CA ILE B 175 -22.61 -15.15 1.76
C ILE B 175 -22.99 -16.45 2.48
N ALA B 176 -24.28 -16.81 2.44
CA ALA B 176 -24.69 -18.11 2.96
C ALA B 176 -24.12 -19.24 2.11
N ARG B 177 -23.85 -20.38 2.77
CA ARG B 177 -23.38 -21.58 2.10
C ARG B 177 -24.48 -22.65 2.10
N PRO B 178 -24.64 -23.40 1.00
CA PRO B 178 -23.79 -23.38 -0.18
C PRO B 178 -24.04 -22.23 -1.15
N ASP B 179 -25.19 -21.55 -0.97
CA ASP B 179 -25.59 -20.44 -1.83
C ASP B 179 -26.63 -19.59 -1.11
N ASP B 180 -27.02 -18.50 -1.77
CA ASP B 180 -27.90 -17.48 -1.19
C ASP B 180 -29.36 -17.91 -1.09
N SER B 181 -29.70 -19.12 -1.56
CA SER B 181 -31.06 -19.65 -1.39
C SER B 181 -31.27 -20.18 0.03
N LEU B 182 -30.18 -20.35 0.81
CA LEU B 182 -30.35 -20.87 2.16
C LEU B 182 -30.56 -19.70 3.13
N GLU B 183 -31.83 -19.45 3.45
CA GLU B 183 -32.23 -18.29 4.24
C GLU B 183 -31.51 -18.30 5.58
N PRO B 184 -30.77 -17.22 5.93
CA PRO B 184 -30.15 -17.13 7.25
C PRO B 184 -31.18 -17.04 8.39
N PHE B 185 -30.75 -17.42 9.59
CA PHE B 185 -31.60 -17.43 10.77
C PHE B 185 -32.32 -16.10 10.99
N PHE B 186 -31.59 -14.98 10.95
CA PHE B 186 -32.21 -13.72 11.32
C PHE B 186 -33.29 -13.35 10.32
N ASP B 187 -33.07 -13.70 9.04
CA ASP B 187 -34.07 -13.49 8.00
CA ASP B 187 -34.06 -13.48 8.00
C ASP B 187 -35.33 -14.28 8.33
N SER B 188 -35.18 -15.54 8.75
CA SER B 188 -36.32 -16.37 9.11
C SER B 188 -37.06 -15.79 10.32
N LEU B 189 -36.29 -15.32 11.31
CA LEU B 189 -36.85 -14.76 12.52
C LEU B 189 -37.76 -13.57 12.18
N VAL B 190 -37.25 -12.65 11.35
CA VAL B 190 -37.98 -11.45 11.00
C VAL B 190 -39.23 -11.79 10.18
N LYS B 191 -39.10 -12.76 9.26
CA LYS B 191 -40.19 -13.10 8.36
CA LYS B 191 -40.20 -13.09 8.36
C LYS B 191 -41.35 -13.75 9.12
N GLN B 192 -41.01 -14.57 10.12
CA GLN B 192 -41.99 -15.43 10.79
C GLN B 192 -42.60 -14.80 12.05
N THR B 193 -42.05 -13.67 12.49
CA THR B 193 -42.46 -13.05 13.75
C THR B 193 -42.63 -11.54 13.57
N HIS B 194 -42.95 -10.85 14.66
CA HIS B 194 -43.02 -9.39 14.67
C HIS B 194 -41.74 -8.77 15.24
N VAL B 195 -40.67 -9.56 15.39
CA VAL B 195 -39.41 -9.05 15.90
C VAL B 195 -38.86 -8.00 14.92
N PRO B 196 -38.58 -6.76 15.36
CA PRO B 196 -38.01 -5.76 14.46
C PRO B 196 -36.68 -6.19 13.84
N ASN B 197 -36.41 -5.69 12.63
CA ASN B 197 -35.28 -6.10 11.82
C ASN B 197 -34.01 -5.37 12.26
N LEU B 198 -33.55 -5.70 13.48
CA LEU B 198 -32.43 -5.02 14.12
C LEU B 198 -31.95 -5.91 15.25
N PHE B 199 -30.63 -5.93 15.49
CA PHE B 199 -30.12 -6.49 16.73
C PHE B 199 -28.93 -5.65 17.17
N SER B 200 -28.58 -5.73 18.44
CA SER B 200 -27.46 -4.97 18.97
C SER B 200 -26.61 -5.84 19.88
N LEU B 201 -25.30 -5.56 19.87
CA LEU B 201 -24.33 -6.36 20.62
C LEU B 201 -23.50 -5.48 21.54
N GLN B 202 -23.47 -5.89 22.81
CA GLN B 202 -22.52 -5.38 23.79
C GLN B 202 -21.64 -6.54 24.23
N LEU B 203 -20.41 -6.60 23.69
CA LEU B 203 -19.45 -7.63 24.08
C LEU B 203 -18.57 -7.07 25.17
N CYS B 204 -18.49 -7.76 26.32
CA CYS B 204 -17.82 -7.21 27.49
C CYS B 204 -16.52 -7.94 27.79
N GLY B 205 -15.40 -7.34 27.40
CA GLY B 205 -14.09 -7.86 27.78
C GLY B 205 -13.81 -7.57 29.25
N ALA B 206 -13.22 -8.54 29.97
CA ALA B 206 -13.01 -8.37 31.39
C ALA B 206 -11.85 -7.40 31.69
N GLY B 207 -10.87 -7.37 30.79
CA GLY B 207 -9.65 -6.60 31.01
C GLY B 207 -8.57 -7.38 31.76
N PHE B 208 -8.87 -8.65 32.05
CA PHE B 208 -7.96 -9.56 32.72
C PHE B 208 -8.35 -10.97 32.30
N PRO B 209 -7.47 -11.99 32.51
CA PRO B 209 -7.78 -13.36 32.11
C PRO B 209 -8.89 -13.95 32.98
N LEU B 210 -9.72 -14.76 32.33
CA LEU B 210 -10.74 -15.53 33.00
C LEU B 210 -10.38 -17.00 32.83
N ASN B 211 -10.34 -17.73 33.97
CA ASN B 211 -10.10 -19.16 33.93
C ASN B 211 -11.38 -19.87 33.50
N GLN B 212 -11.30 -21.21 33.39
CA GLN B 212 -12.37 -22.07 32.94
C GLN B 212 -13.65 -21.78 33.75
N SER B 213 -13.50 -21.76 35.09
CA SER B 213 -14.59 -21.57 36.04
C SER B 213 -15.21 -20.19 35.88
N GLU B 214 -14.36 -19.16 35.89
CA GLU B 214 -14.78 -17.77 35.86
C GLU B 214 -15.52 -17.44 34.56
N VAL B 215 -15.04 -17.96 33.43
CA VAL B 215 -15.65 -17.62 32.16
C VAL B 215 -17.05 -18.24 32.06
N LEU B 216 -17.27 -19.38 32.73
CA LEU B 216 -18.59 -20.00 32.74
C LEU B 216 -19.54 -19.22 33.65
N ALA B 217 -19.00 -18.66 34.75
CA ALA B 217 -19.85 -18.07 35.78
C ALA B 217 -20.15 -16.61 35.48
N SER B 218 -19.33 -16.01 34.61
CA SER B 218 -19.36 -14.57 34.37
CA SER B 218 -19.35 -14.56 34.36
C SER B 218 -20.27 -14.23 33.19
N VAL B 219 -20.88 -13.05 33.26
CA VAL B 219 -21.65 -12.48 32.16
C VAL B 219 -20.66 -11.86 31.17
N GLY B 220 -20.82 -12.19 29.89
CA GLY B 220 -19.92 -11.73 28.85
C GLY B 220 -20.53 -10.61 28.00
N GLY B 221 -21.79 -10.26 28.22
CA GLY B 221 -22.40 -9.19 27.45
C GLY B 221 -23.85 -9.47 27.11
N SER B 222 -24.36 -8.75 26.10
CA SER B 222 -25.77 -8.75 25.74
C SER B 222 -25.92 -8.75 24.21
N MET B 223 -26.85 -9.60 23.75
CA MET B 223 -27.38 -9.50 22.40
CA MET B 223 -27.38 -9.50 22.40
C MET B 223 -28.85 -9.14 22.51
N ILE B 224 -29.18 -7.89 22.14
CA ILE B 224 -30.57 -7.44 22.18
C ILE B 224 -31.16 -7.69 20.81
N ILE B 225 -32.08 -8.66 20.74
N ILE B 225 -32.18 -8.56 20.76
CA ILE B 225 -32.72 -9.02 19.49
CA ILE B 225 -32.74 -9.03 19.51
C ILE B 225 -33.98 -8.17 19.33
C ILE B 225 -34.04 -8.29 19.25
N GLY B 226 -34.00 -7.38 18.27
CA GLY B 226 -35.15 -6.56 17.90
C GLY B 226 -35.14 -5.17 18.52
N GLY B 227 -34.01 -4.76 19.12
CA GLY B 227 -34.00 -3.45 19.76
C GLY B 227 -32.64 -2.99 20.29
N ILE B 228 -32.70 -1.85 20.97
CA ILE B 228 -31.58 -1.12 21.55
C ILE B 228 -31.93 -0.94 23.03
N ASP B 229 -30.98 -1.28 23.91
CA ASP B 229 -31.16 -1.08 25.34
C ASP B 229 -30.23 0.06 25.79
N HIS B 230 -30.83 1.13 26.33
CA HIS B 230 -30.11 2.36 26.67
C HIS B 230 -29.11 2.18 27.81
N SER B 231 -29.26 1.13 28.61
CA SER B 231 -28.38 0.88 29.75
C SER B 231 -26.99 0.41 29.30
N LEU B 232 -26.86 0.02 28.02
CA LEU B 232 -25.66 -0.64 27.55
C LEU B 232 -24.61 0.32 27.00
N TYR B 233 -24.95 1.60 26.89
CA TYR B 233 -24.02 2.57 26.32
C TYR B 233 -24.15 3.92 27.03
N THR B 234 -23.15 4.77 26.78
CA THR B 234 -23.16 6.14 27.24
C THR B 234 -23.00 7.04 26.02
N GLY B 235 -23.43 8.29 26.16
CA GLY B 235 -23.32 9.25 25.07
C GLY B 235 -24.24 8.90 23.90
N SER B 236 -23.86 9.38 22.71
CA SER B 236 -24.69 9.29 21.53
C SER B 236 -24.32 8.09 20.67
N LEU B 237 -25.33 7.56 19.97
CA LEU B 237 -25.11 6.59 18.90
C LEU B 237 -24.84 7.34 17.60
N TRP B 238 -23.75 6.96 16.92
CA TRP B 238 -23.42 7.47 15.59
C TRP B 238 -23.54 6.32 14.60
N TYR B 239 -24.11 6.60 13.42
CA TYR B 239 -24.38 5.57 12.45
C TYR B 239 -23.54 5.73 11.19
N THR B 240 -23.07 4.58 10.70
CA THR B 240 -22.36 4.49 9.44
C THR B 240 -23.19 3.64 8.49
N PRO B 241 -23.29 3.96 7.17
CA PRO B 241 -24.05 3.09 6.27
C PRO B 241 -23.46 1.69 6.12
N ILE B 242 -24.35 0.70 6.00
CA ILE B 242 -23.95 -0.59 5.48
C ILE B 242 -23.79 -0.43 3.97
N ARG B 243 -22.57 -0.60 3.47
CA ARG B 243 -22.27 -0.30 2.08
C ARG B 243 -23.06 -1.22 1.16
N ARG B 244 -23.11 -2.50 1.51
CA ARG B 244 -23.79 -3.53 0.75
C ARG B 244 -24.13 -4.65 1.73
N GLU B 245 -25.27 -5.30 1.51
CA GLU B 245 -25.77 -6.32 2.41
C GLU B 245 -25.21 -7.68 2.00
N TRP B 246 -24.02 -8.00 2.51
CA TRP B 246 -23.43 -9.31 2.34
C TRP B 246 -22.76 -9.66 3.67
N TYR B 247 -21.50 -9.26 3.85
CA TYR B 247 -21.01 -8.97 5.20
C TYR B 247 -21.70 -7.70 5.71
N TYR B 248 -21.44 -7.38 6.99
CA TYR B 248 -21.71 -6.04 7.48
C TYR B 248 -20.56 -5.13 7.06
N GLU B 249 -20.64 -4.66 5.81
CA GLU B 249 -19.55 -3.90 5.20
C GLU B 249 -19.72 -2.41 5.48
N VAL B 250 -18.60 -1.77 5.88
CA VAL B 250 -18.57 -0.35 6.19
C VAL B 250 -17.40 0.30 5.44
N ILE B 251 -17.31 1.64 5.50
CA ILE B 251 -16.23 2.38 4.86
C ILE B 251 -15.50 3.23 5.90
N ILE B 252 -14.19 2.95 6.06
CA ILE B 252 -13.28 3.74 6.87
C ILE B 252 -12.68 4.85 6.00
N VAL B 253 -12.68 6.10 6.50
CA VAL B 253 -12.30 7.24 5.68
C VAL B 253 -11.01 7.90 6.18
N ARG B 254 -10.58 7.57 7.41
CA ARG B 254 -9.37 8.17 8.00
C ARG B 254 -8.95 7.28 9.17
N VAL B 255 -7.63 7.18 9.41
CA VAL B 255 -7.11 6.47 10.56
C VAL B 255 -6.09 7.37 11.25
N GLU B 256 -6.21 7.46 12.58
CA GLU B 256 -5.20 8.18 13.37
C GLU B 256 -4.64 7.28 14.46
N ILE B 257 -3.36 7.50 14.78
CA ILE B 257 -2.71 6.89 15.91
C ILE B 257 -2.30 8.02 16.84
N ASN B 258 -2.92 8.14 18.01
CA ASN B 258 -2.66 9.27 18.89
C ASN B 258 -2.79 10.61 18.14
N GLY B 259 -3.85 10.74 17.34
CA GLY B 259 -4.14 11.98 16.66
C GLY B 259 -3.33 12.18 15.38
N GLN B 260 -2.31 11.34 15.14
CA GLN B 260 -1.48 11.49 13.95
C GLN B 260 -2.08 10.69 12.82
N ASP B 261 -2.40 11.38 11.72
CA ASP B 261 -2.99 10.79 10.54
C ASP B 261 -2.03 9.75 9.96
N LEU B 262 -2.54 8.53 9.72
CA LEU B 262 -1.75 7.50 9.07
C LEU B 262 -1.46 7.89 7.61
N LYS B 263 -2.31 8.76 7.04
CA LYS B 263 -2.09 9.49 5.80
C LYS B 263 -1.96 8.57 4.59
N MET B 264 -2.71 7.46 4.58
CA MET B 264 -2.74 6.60 3.41
C MET B 264 -3.97 6.98 2.57
N ASP B 265 -3.91 6.69 1.25
CA ASP B 265 -5.10 6.79 0.42
C ASP B 265 -6.19 5.96 1.09
N CYS B 266 -7.38 6.54 1.29
CA CYS B 266 -8.39 5.87 2.12
C CYS B 266 -8.88 4.55 1.51
N LYS B 267 -8.72 4.35 0.20
CA LYS B 267 -9.04 3.04 -0.38
C LYS B 267 -8.22 1.93 0.28
N GLU B 268 -7.00 2.24 0.72
CA GLU B 268 -6.14 1.23 1.35
C GLU B 268 -6.82 0.67 2.60
N TYR B 269 -7.57 1.51 3.32
CA TYR B 269 -8.20 1.11 4.57
C TYR B 269 -9.32 0.10 4.34
N ASN B 270 -9.84 0.05 3.12
CA ASN B 270 -11.00 -0.76 2.79
C ASN B 270 -10.66 -1.74 1.66
N TYR B 271 -9.39 -2.11 1.55
CA TYR B 271 -8.95 -2.99 0.48
C TYR B 271 -8.89 -4.42 1.02
N ASP B 272 -9.76 -5.34 0.56
CA ASP B 272 -10.76 -5.19 -0.49
C ASP B 272 -12.17 -4.94 0.07
N LYS B 273 -12.29 -4.91 1.41
CA LYS B 273 -13.53 -4.58 2.09
C LYS B 273 -13.17 -4.26 3.54
N SER B 274 -14.11 -3.64 4.27
CA SER B 274 -14.04 -3.49 5.71
C SER B 274 -15.33 -4.03 6.29
N ILE B 275 -15.22 -4.91 7.30
CA ILE B 275 -16.40 -5.56 7.87
C ILE B 275 -16.36 -5.52 9.39
N VAL B 276 -17.56 -5.65 10.00
CA VAL B 276 -17.70 -5.82 11.43
C VAL B 276 -17.98 -7.30 11.71
N ASP B 277 -17.07 -7.96 12.44
CA ASP B 277 -17.11 -9.42 12.56
C ASP B 277 -16.85 -9.87 13.99
N SER B 278 -17.93 -10.21 14.71
CA SER B 278 -17.82 -10.73 16.07
C SER B 278 -17.17 -12.11 16.12
N GLY B 279 -17.05 -12.80 14.97
CA GLY B 279 -16.42 -14.11 14.89
C GLY B 279 -14.92 -14.09 14.62
N THR B 280 -14.32 -12.89 14.68
CA THR B 280 -12.87 -12.72 14.60
C THR B 280 -12.42 -12.07 15.89
N THR B 281 -11.31 -12.56 16.47
CA THR B 281 -10.79 -11.97 17.70
C THR B 281 -10.24 -10.55 17.46
N ASN B 282 -9.31 -10.44 16.51
CA ASN B 282 -8.48 -9.25 16.38
C ASN B 282 -9.12 -8.14 15.57
N LEU B 283 -8.53 -6.93 15.72
CA LEU B 283 -8.61 -5.96 14.64
C LEU B 283 -7.62 -6.39 13.56
N ARG B 284 -8.14 -6.74 12.39
CA ARG B 284 -7.29 -7.15 11.28
C ARG B 284 -7.25 -6.02 10.26
N LEU B 285 -6.04 -5.75 9.75
CA LEU B 285 -5.86 -4.63 8.84
C LEU B 285 -5.19 -5.15 7.57
N PRO B 286 -5.55 -4.61 6.39
CA PRO B 286 -4.87 -4.97 5.15
C PRO B 286 -3.36 -4.80 5.30
N LYS B 287 -2.59 -5.68 4.65
CA LYS B 287 -1.13 -5.76 4.79
C LYS B 287 -0.46 -4.39 4.88
N LYS B 288 -0.69 -3.53 3.88
N LYS B 288 -0.68 -3.50 3.90
CA LYS B 288 -0.01 -2.25 3.80
CA LYS B 288 0.07 -2.24 3.86
C LYS B 288 -0.37 -1.39 5.00
C LYS B 288 -0.38 -1.29 4.97
N VAL B 289 -1.66 -1.39 5.37
CA VAL B 289 -2.19 -0.61 6.48
C VAL B 289 -1.62 -1.13 7.80
N PHE B 290 -1.54 -2.45 7.94
CA PHE B 290 -0.95 -3.06 9.11
C PHE B 290 0.49 -2.59 9.27
N GLU B 291 1.26 -2.63 8.17
CA GLU B 291 2.66 -2.23 8.25
C GLU B 291 2.78 -0.78 8.71
N ALA B 292 1.96 0.12 8.16
CA ALA B 292 2.03 1.54 8.51
C ALA B 292 1.57 1.75 9.95
N ALA B 293 0.49 1.07 10.35
CA ALA B 293 -0.06 1.23 11.69
C ALA B 293 0.92 0.72 12.74
N VAL B 294 1.50 -0.46 12.51
CA VAL B 294 2.43 -1.02 13.48
CA VAL B 294 2.41 -1.00 13.51
C VAL B 294 3.66 -0.12 13.61
N LYS B 295 4.13 0.44 12.49
CA LYS B 295 5.27 1.36 12.58
C LYS B 295 4.91 2.54 13.49
N SER B 296 3.70 3.09 13.31
CA SER B 296 3.27 4.24 14.10
C SER B 296 3.07 3.85 15.58
N ILE B 297 2.48 2.67 15.83
CA ILE B 297 2.26 2.24 17.22
C ILE B 297 3.60 1.98 17.93
N LYS B 298 4.57 1.37 17.22
CA LYS B 298 5.92 1.21 17.77
C LYS B 298 6.53 2.57 18.11
N ALA B 299 6.38 3.56 17.21
CA ALA B 299 6.97 4.88 17.44
C ALA B 299 6.35 5.52 18.69
N ALA B 300 5.03 5.42 18.83
CA ALA B 300 4.35 6.04 19.96
C ALA B 300 4.76 5.38 21.27
N SER B 301 5.02 4.06 21.23
CA SER B 301 5.31 3.26 22.43
C SER B 301 6.81 3.07 22.63
N SER B 302 7.65 3.87 21.96
CA SER B 302 9.07 3.58 21.82
C SER B 302 9.90 3.66 23.10
N THR B 303 9.31 4.15 24.20
N THR B 303 9.32 4.18 24.19
CA THR B 303 10.00 4.16 25.48
CA THR B 303 10.02 4.19 25.47
C THR B 303 10.13 2.76 26.08
C THR B 303 10.28 2.78 25.96
N GLU B 304 9.50 1.75 25.45
N GLU B 304 9.50 1.80 25.49
CA GLU B 304 9.74 0.36 25.79
CA GLU B 304 9.76 0.39 25.76
C GLU B 304 9.83 -0.44 24.49
C GLU B 304 9.92 -0.33 24.43
N LYS B 305 10.87 -1.27 24.37
CA LYS B 305 11.08 -2.10 23.19
C LYS B 305 10.41 -3.44 23.41
N PHE B 306 9.62 -3.85 22.41
CA PHE B 306 8.95 -5.14 22.41
C PHE B 306 9.51 -6.02 21.31
N PRO B 307 9.58 -7.36 21.54
CA PRO B 307 10.12 -8.27 20.53
C PRO B 307 9.23 -8.38 19.30
N ASP B 308 9.82 -8.79 18.17
CA ASP B 308 9.08 -8.94 16.93
C ASP B 308 7.87 -9.86 17.13
N GLY B 309 8.04 -10.93 17.93
CA GLY B 309 6.97 -11.89 18.17
C GLY B 309 5.73 -11.26 18.82
N PHE B 310 5.94 -10.21 19.63
CA PHE B 310 4.81 -9.47 20.19
C PHE B 310 4.03 -8.78 19.09
N TRP B 311 4.73 -8.04 18.22
CA TRP B 311 4.06 -7.26 17.18
C TRP B 311 3.40 -8.17 16.15
N LEU B 312 3.88 -9.42 16.01
CA LEU B 312 3.29 -10.41 15.11
C LEU B 312 2.09 -11.10 15.75
N GLY B 313 1.78 -10.75 17.00
CA GLY B 313 0.56 -11.22 17.65
C GLY B 313 0.71 -12.63 18.21
N GLU B 314 1.96 -13.15 18.24
CA GLU B 314 2.25 -14.53 18.57
CA GLU B 314 2.28 -14.53 18.56
C GLU B 314 2.67 -14.68 20.02
N GLN B 315 3.41 -13.69 20.55
CA GLN B 315 4.07 -13.78 21.84
C GLN B 315 3.42 -12.84 22.83
N LEU B 316 3.24 -13.31 24.07
CA LEU B 316 2.71 -12.45 25.12
C LEU B 316 3.82 -11.56 25.67
N VAL B 317 3.40 -10.43 26.25
N VAL B 317 3.45 -10.41 26.23
CA VAL B 317 4.21 -9.50 27.04
CA VAL B 317 4.38 -9.68 27.09
C VAL B 317 3.64 -9.51 28.45
C VAL B 317 3.69 -9.43 28.42
N CYS B 318 4.50 -9.39 29.48
CA CYS B 318 4.03 -9.39 30.86
C CYS B 318 4.66 -8.22 31.61
N TRP B 319 3.88 -7.66 32.54
CA TRP B 319 4.35 -6.66 33.49
C TRP B 319 4.02 -7.12 34.91
N GLN B 320 4.78 -6.62 35.88
CA GLN B 320 4.45 -6.82 37.29
C GLN B 320 2.99 -6.40 37.53
N ALA B 321 2.30 -7.16 38.40
CA ALA B 321 0.90 -6.93 38.72
C ALA B 321 0.60 -5.44 38.89
N GLY B 322 -0.37 -4.94 38.12
CA GLY B 322 -0.87 -3.60 38.25
C GLY B 322 -0.05 -2.53 37.52
N THR B 323 1.08 -2.92 36.90
CA THR B 323 2.01 -1.92 36.38
C THR B 323 1.95 -1.80 34.85
N THR B 324 0.97 -2.41 34.20
CA THR B 324 0.85 -2.29 32.74
C THR B 324 0.92 -0.80 32.36
N PRO B 325 1.86 -0.39 31.48
CA PRO B 325 2.06 1.03 31.18
C PRO B 325 1.13 1.48 30.05
N TRP B 326 -0.17 1.48 30.35
CA TRP B 326 -1.16 1.86 29.35
C TRP B 326 -0.81 3.17 28.66
N ASN B 327 -0.29 4.13 29.42
CA ASN B 327 -0.09 5.48 28.92
C ASN B 327 0.96 5.56 27.82
N ILE B 328 1.87 4.57 27.71
CA ILE B 328 2.87 4.61 26.65
C ILE B 328 2.29 4.18 25.31
N PHE B 329 1.15 3.47 25.34
CA PHE B 329 0.55 2.99 24.10
C PHE B 329 -0.46 4.02 23.61
N PRO B 330 -0.56 4.20 22.28
CA PRO B 330 -1.46 5.21 21.73
C PRO B 330 -2.92 4.76 21.64
N VAL B 331 -3.80 5.74 21.56
CA VAL B 331 -5.17 5.46 21.13
C VAL B 331 -5.19 5.33 19.60
N ILE B 332 -6.21 4.61 19.11
CA ILE B 332 -6.39 4.42 17.67
C ILE B 332 -7.79 4.89 17.32
N SER B 333 -7.87 5.80 16.33
CA SER B 333 -9.15 6.31 15.89
C SER B 333 -9.41 5.86 14.46
N LEU B 334 -10.59 5.27 14.25
CA LEU B 334 -11.10 4.94 12.92
C LEU B 334 -12.25 5.89 12.62
N TYR B 335 -12.13 6.64 11.51
CA TYR B 335 -13.21 7.51 11.08
C TYR B 335 -14.06 6.72 10.09
N LEU B 336 -15.37 6.74 10.32
CA LEU B 336 -16.32 6.02 9.49
C LEU B 336 -17.20 7.01 8.73
N MET B 337 -17.62 6.62 7.52
CA MET B 337 -18.55 7.42 6.76
C MET B 337 -19.85 7.64 7.56
N GLY B 338 -20.32 8.89 7.60
CA GLY B 338 -21.57 9.16 8.30
C GLY B 338 -22.78 8.99 7.38
N GLU B 339 -23.97 9.26 7.94
CA GLU B 339 -25.21 9.16 7.19
C GLU B 339 -25.50 10.44 6.40
N VAL B 340 -24.92 11.56 6.84
CA VAL B 340 -25.13 12.87 6.22
C VAL B 340 -24.03 13.07 5.19
N THR B 341 -24.38 13.66 4.05
N THR B 341 -24.37 13.63 4.03
CA THR B 341 -23.43 14.00 3.00
CA THR B 341 -23.40 13.87 2.96
C THR B 341 -22.22 14.72 3.60
C THR B 341 -22.25 14.73 3.48
N ASN B 342 -21.02 14.26 3.23
CA ASN B 342 -19.75 14.89 3.59
C ASN B 342 -19.51 14.95 5.10
N GLN B 343 -20.13 14.04 5.86
CA GLN B 343 -19.94 13.97 7.30
CA GLN B 343 -19.99 13.96 7.30
C GLN B 343 -19.37 12.61 7.66
N SER B 344 -18.37 12.61 8.55
CA SER B 344 -17.87 11.39 9.17
C SER B 344 -17.94 11.52 10.69
N PHE B 345 -17.69 10.41 11.38
CA PHE B 345 -17.48 10.41 12.82
C PHE B 345 -16.31 9.47 13.11
N ARG B 346 -15.83 9.48 14.36
CA ARG B 346 -14.72 8.60 14.70
C ARG B 346 -15.08 7.75 15.91
N ILE B 347 -14.52 6.54 15.90
CA ILE B 347 -14.49 5.70 17.09
C ILE B 347 -13.04 5.61 17.53
N THR B 348 -12.81 5.71 18.85
CA THR B 348 -11.45 5.70 19.36
C THR B 348 -11.32 4.57 20.38
N ILE B 349 -10.30 3.72 20.18
CA ILE B 349 -10.06 2.63 21.11
C ILE B 349 -8.74 2.85 21.84
N LEU B 350 -8.66 2.20 22.99
CA LEU B 350 -7.52 2.31 23.87
C LEU B 350 -6.67 1.05 23.74
N PRO B 351 -5.43 1.05 24.28
CA PRO B 351 -4.70 -0.20 24.41
C PRO B 351 -5.45 -1.23 25.27
N GLN B 352 -6.34 -0.78 26.17
CA GLN B 352 -7.14 -1.75 26.93
C GLN B 352 -8.04 -2.57 26.02
N GLN B 353 -8.32 -2.07 24.80
CA GLN B 353 -9.01 -2.88 23.78
C GLN B 353 -8.04 -3.72 22.96
N TYR B 354 -6.97 -3.11 22.45
CA TYR B 354 -6.17 -3.81 21.44
C TYR B 354 -5.04 -4.66 22.05
N LEU B 355 -4.86 -4.60 23.37
CA LEU B 355 -4.02 -5.58 24.07
C LEU B 355 -4.95 -6.57 24.76
N ARG B 356 -4.88 -7.83 24.31
CA ARG B 356 -5.81 -8.86 24.77
C ARG B 356 -5.23 -9.56 25.99
N PRO B 357 -5.91 -9.53 27.16
CA PRO B 357 -5.39 -10.22 28.35
C PRO B 357 -5.28 -11.72 28.13
N VAL B 358 -4.13 -12.28 28.51
CA VAL B 358 -3.86 -13.71 28.45
C VAL B 358 -3.19 -14.13 29.76
N GLU B 359 -3.36 -15.41 30.09
CA GLU B 359 -2.63 -15.98 31.20
C GLU B 359 -1.17 -16.20 30.81
N ASP B 360 -0.29 -16.05 31.81
CA ASP B 360 1.14 -16.22 31.67
C ASP B 360 1.45 -17.68 31.32
N VAL B 361 2.55 -17.85 30.59
CA VAL B 361 3.03 -19.16 30.13
C VAL B 361 3.48 -20.00 31.32
N ALA B 362 4.00 -19.31 32.35
CA ALA B 362 4.39 -19.91 33.62
C ALA B 362 3.66 -19.21 34.76
N THR B 363 3.63 -19.85 35.93
CA THR B 363 2.89 -19.37 37.10
C THR B 363 3.49 -18.06 37.61
N SER B 364 2.63 -17.02 37.68
CA SER B 364 3.01 -15.67 38.08
C SER B 364 1.75 -14.87 38.42
N GLN B 365 1.95 -13.71 39.06
CA GLN B 365 0.89 -12.74 39.27
C GLN B 365 1.02 -11.57 38.28
N ASP B 366 1.85 -11.76 37.25
CA ASP B 366 2.03 -10.74 36.23
C ASP B 366 0.73 -10.52 35.46
N ASP B 367 0.58 -9.29 34.92
CA ASP B 367 -0.49 -8.96 33.99
C ASP B 367 0.09 -9.04 32.57
N CYS B 368 -0.48 -9.95 31.77
CA CYS B 368 0.10 -10.32 30.49
C CYS B 368 -0.92 -10.13 29.37
N TYR B 369 -0.41 -9.87 28.16
CA TYR B 369 -1.27 -9.53 27.03
C TYR B 369 -0.63 -9.97 25.72
N LYS B 370 -1.49 -10.17 24.72
CA LYS B 370 -1.05 -10.28 23.34
C LYS B 370 -1.55 -9.05 22.56
N PHE B 371 -0.78 -8.70 21.54
CA PHE B 371 -1.17 -7.63 20.62
C PHE B 371 -2.24 -8.16 19.68
N ALA B 372 -3.45 -7.57 19.76
CA ALA B 372 -4.63 -8.08 19.05
C ALA B 372 -4.94 -7.26 17.81
N ILE B 373 -3.88 -6.79 17.14
CA ILE B 373 -3.99 -6.23 15.80
C ILE B 373 -3.11 -7.07 14.90
N SER B 374 -3.65 -7.48 13.74
CA SER B 374 -2.89 -8.39 12.89
C SER B 374 -3.20 -8.12 11.42
N GLN B 375 -2.37 -8.71 10.55
CA GLN B 375 -2.44 -8.51 9.12
C GLN B 375 -3.57 -9.34 8.49
N SER B 376 -4.12 -8.79 7.41
CA SER B 376 -5.18 -9.43 6.64
C SER B 376 -4.86 -9.32 5.15
N SER B 377 -5.29 -10.33 4.38
CA SER B 377 -5.25 -10.27 2.93
C SER B 377 -6.68 -10.20 2.36
N THR B 378 -7.68 -10.06 3.25
CA THR B 378 -9.09 -10.08 2.88
C THR B 378 -9.82 -8.87 3.44
N GLY B 379 -9.08 -7.78 3.67
CA GLY B 379 -9.67 -6.52 4.07
C GLY B 379 -9.60 -6.28 5.57
N THR B 380 -10.13 -5.13 6.01
CA THR B 380 -10.20 -4.81 7.42
C THR B 380 -11.28 -5.67 8.09
N VAL B 381 -10.96 -6.15 9.28
CA VAL B 381 -11.95 -6.87 10.09
C VAL B 381 -12.00 -6.21 11.46
N MET B 382 -13.14 -5.59 11.76
CA MET B 382 -13.33 -5.05 13.10
CA MET B 382 -13.38 -5.04 13.08
C MET B 382 -13.86 -6.18 13.97
N GLY B 383 -12.93 -6.87 14.64
CA GLY B 383 -13.25 -8.06 15.41
C GLY B 383 -13.67 -7.75 16.84
N ALA B 384 -13.69 -8.80 17.65
CA ALA B 384 -14.23 -8.72 19.00
C ALA B 384 -13.49 -7.71 19.88
N VAL B 385 -12.16 -7.60 19.73
CA VAL B 385 -11.43 -6.69 20.61
C VAL B 385 -11.82 -5.23 20.37
N ILE B 386 -12.18 -4.88 19.13
N ILE B 386 -12.20 -4.88 19.14
CA ILE B 386 -12.72 -3.57 18.80
CA ILE B 386 -12.66 -3.51 18.89
C ILE B 386 -14.12 -3.44 19.36
C ILE B 386 -14.15 -3.37 19.21
N MET B 387 -14.95 -4.43 19.01
CA MET B 387 -16.35 -4.40 19.43
C MET B 387 -16.50 -4.28 20.95
N GLU B 388 -15.52 -4.78 21.73
CA GLU B 388 -15.56 -4.69 23.18
C GLU B 388 -15.56 -3.23 23.65
N GLY B 389 -15.13 -2.29 22.81
CA GLY B 389 -15.14 -0.89 23.20
C GLY B 389 -16.51 -0.24 23.11
N PHE B 390 -17.43 -0.86 22.35
CA PHE B 390 -18.60 -0.16 21.84
C PHE B 390 -19.85 -1.00 21.99
N TYR B 391 -20.98 -0.31 22.11
CA TYR B 391 -22.25 -0.95 21.83
C TYR B 391 -22.51 -0.78 20.34
N VAL B 392 -22.76 -1.90 19.66
CA VAL B 392 -22.85 -1.90 18.20
C VAL B 392 -24.25 -2.32 17.79
N VAL B 393 -24.90 -1.43 17.02
CA VAL B 393 -26.29 -1.61 16.62
C VAL B 393 -26.31 -2.02 15.15
N PHE B 394 -26.77 -3.25 14.89
CA PHE B 394 -26.87 -3.75 13.53
C PHE B 394 -28.29 -3.44 13.03
N ASP B 395 -28.45 -2.21 12.52
CA ASP B 395 -29.76 -1.72 12.13
C ASP B 395 -30.03 -2.11 10.69
N ARG B 396 -30.45 -3.37 10.51
CA ARG B 396 -30.67 -3.92 9.19
C ARG B 396 -31.81 -3.16 8.50
N ALA B 397 -32.86 -2.79 9.24
CA ALA B 397 -34.01 -2.11 8.68
C ALA B 397 -33.62 -0.81 7.98
N ARG B 398 -32.64 -0.09 8.53
CA ARG B 398 -32.22 1.20 8.00
C ARG B 398 -30.85 1.12 7.33
N LYS B 399 -30.35 -0.12 7.09
CA LYS B 399 -29.11 -0.36 6.37
C LYS B 399 -27.97 0.47 6.97
N ARG B 400 -27.80 0.37 8.30
CA ARG B 400 -26.78 1.16 8.97
C ARG B 400 -26.27 0.44 10.23
N ILE B 401 -25.06 0.79 10.65
N ILE B 401 -25.05 0.80 10.64
CA ILE B 401 -24.52 0.25 11.89
CA ILE B 401 -24.43 0.28 11.86
C ILE B 401 -24.20 1.42 12.82
C ILE B 401 -24.21 1.44 12.82
N GLY B 402 -24.72 1.32 14.05
CA GLY B 402 -24.51 2.33 15.07
C GLY B 402 -23.40 1.95 16.03
N PHE B 403 -22.64 2.96 16.46
CA PHE B 403 -21.62 2.79 17.49
C PHE B 403 -21.87 3.80 18.59
N ALA B 404 -21.77 3.32 19.85
CA ALA B 404 -21.71 4.18 21.02
C ALA B 404 -20.68 3.61 21.98
N VAL B 405 -20.15 4.45 22.86
CA VAL B 405 -19.24 3.98 23.90
C VAL B 405 -19.94 2.93 24.75
N SER B 406 -19.31 1.78 24.95
CA SER B 406 -19.91 0.71 25.73
C SER B 406 -19.84 1.04 27.23
N ALA B 407 -20.95 0.76 27.92
CA ALA B 407 -20.99 0.87 29.37
C ALA B 407 -20.06 -0.14 30.05
N CYS B 408 -19.54 -1.14 29.30
CA CYS B 408 -18.66 -2.15 29.88
C CYS B 408 -17.26 -2.11 29.27
N HIS B 409 -16.86 -1.02 28.61
CA HIS B 409 -15.51 -1.04 28.07
C HIS B 409 -14.47 -0.82 29.18
N VAL B 410 -13.30 -1.42 28.98
CA VAL B 410 -12.21 -1.32 29.94
C VAL B 410 -11.42 -0.04 29.65
N HIS B 411 -11.11 0.73 30.70
CA HIS B 411 -10.36 1.96 30.53
C HIS B 411 -9.55 2.23 31.78
N ASP B 412 -8.96 3.43 31.86
CA ASP B 412 -8.23 3.84 33.05
C ASP B 412 -8.77 5.20 33.48
N GLU B 413 -8.12 5.79 34.49
CA GLU B 413 -8.59 7.05 35.06
CA GLU B 413 -8.61 7.05 35.05
C GLU B 413 -8.32 8.22 34.12
N PHE B 414 -7.47 8.03 33.09
CA PHE B 414 -6.99 9.13 32.28
C PHE B 414 -7.64 9.22 30.91
N ARG B 415 -8.11 8.08 30.39
CA ARG B 415 -8.61 7.99 29.01
C ARG B 415 -9.76 7.00 28.97
N THR B 416 -10.76 7.27 28.10
N THR B 416 -10.70 7.24 28.04
CA THR B 416 -11.79 6.29 27.77
CA THR B 416 -11.85 6.39 27.78
C THR B 416 -11.82 6.10 26.26
C THR B 416 -11.98 6.20 26.26
N ALA B 417 -12.58 5.07 25.84
CA ALA B 417 -13.01 4.95 24.45
C ALA B 417 -13.96 6.10 24.12
N ALA B 418 -14.12 6.40 22.82
CA ALA B 418 -14.93 7.54 22.41
C ALA B 418 -15.62 7.24 21.09
N VAL B 419 -16.78 7.89 20.90
CA VAL B 419 -17.46 7.96 19.62
C VAL B 419 -17.84 9.44 19.48
N GLU B 420 -17.30 10.09 18.44
CA GLU B 420 -17.34 11.55 18.38
C GLU B 420 -17.58 12.00 16.94
N GLY B 421 -18.30 13.12 16.79
CA GLY B 421 -18.47 13.70 15.47
C GLY B 421 -19.25 15.01 15.59
N PRO B 422 -19.53 15.65 14.46
CA PRO B 422 -19.18 15.22 13.11
C PRO B 422 -17.89 15.89 12.63
N PHE B 423 -17.33 15.33 11.54
CA PHE B 423 -16.21 15.93 10.83
C PHE B 423 -16.62 16.12 9.38
N VAL B 424 -16.18 17.21 8.78
CA VAL B 424 -16.34 17.40 7.36
C VAL B 424 -15.30 16.53 6.63
N THR B 425 -15.79 15.60 5.81
CA THR B 425 -14.96 14.68 5.05
C THR B 425 -15.51 14.58 3.63
N LEU B 426 -14.66 14.92 2.65
CA LEU B 426 -15.09 14.95 1.25
C LEU B 426 -14.78 13.61 0.58
N ASP B 427 -15.57 13.30 -0.47
CA ASP B 427 -15.32 12.22 -1.42
C ASP B 427 -15.20 10.87 -0.71
N MET B 428 -16.09 10.61 0.26
CA MET B 428 -15.95 9.43 1.10
C MET B 428 -16.29 8.17 0.32
N GLU B 429 -17.16 8.29 -0.70
CA GLU B 429 -17.54 7.13 -1.49
C GLU B 429 -16.30 6.56 -2.21
N ASP B 430 -15.35 7.46 -2.51
CA ASP B 430 -14.08 7.12 -3.16
C ASP B 430 -13.23 6.21 -2.28
N CYS B 431 -13.53 6.14 -0.98
CA CYS B 431 -12.77 5.31 -0.06
C CYS B 431 -13.13 3.83 -0.21
N GLY B 432 -14.32 3.55 -0.78
CA GLY B 432 -14.74 2.18 -1.04
C GLY B 432 -13.96 1.57 -2.19
N TYR B 433 -13.57 0.30 -2.04
CA TYR B 433 -12.84 -0.40 -3.07
C TYR B 433 -13.83 -1.13 -3.97
N ASN B 434 -13.56 -1.13 -5.28
CA ASN B 434 -14.42 -1.81 -6.23
C ASN B 434 -13.70 -3.04 -6.76
C7 QKA C . 9.28 4.47 -13.90
C6 QKA C . 13.27 4.42 -7.87
C1 QKA C . 14.84 9.09 -1.64
N1 QKA C . 15.08 6.63 -2.91
C5 QKA C . 11.18 4.61 -9.37
C4 QKA C . 13.46 8.46 -7.87
C3 QKA C . 14.10 7.57 -3.20
C2 QKA C . 15.97 7.00 -1.98
O QKA C . 10.63 3.61 -8.88
N5 QKA C . 10.83 5.16 -10.55
C18 QKA C . 9.78 4.56 -11.37
C15 QKA C . 9.77 5.25 -12.73
C14 QKA C . 10.78 4.81 -13.76
C17 QKA C . 11.38 5.83 -14.69
C11 QKA C . 12.28 5.29 -8.67
C12 QKA C . 12.29 5.32 -7.14
C16 QKA C . 12.76 6.58 -6.39
N2 QKA C . 13.71 7.35 -7.20
C13 QKA C . 11.57 7.40 -5.86
C10 QKA C . 10.87 8.24 -6.92
S QKA C . 11.96 9.35 -7.87
N4 QKA C . 14.41 9.03 -8.65
C9 QKA C . 13.46 6.12 -5.08
N3 QKA C . 13.29 7.28 -4.26
C8 QKA C . 12.23 8.19 -4.70
N QKA C . 13.91 8.78 -2.62
C QKA C . 15.88 8.24 -1.34
C1 GOL D . 4.35 4.31 -36.80
O1 GOL D . 3.01 3.73 -36.85
C2 GOL D . 4.63 4.93 -35.44
O2 GOL D . 4.38 4.02 -34.38
C3 GOL D . 6.09 5.30 -35.34
O3 GOL D . 6.19 6.64 -35.80
C1 GOL E . 31.64 -1.86 2.80
O1 GOL E . 32.67 -2.82 3.05
C2 GOL E . 32.29 -0.64 2.19
O2 GOL E . 33.16 -1.05 1.14
C3 GOL E . 31.25 0.27 1.56
O3 GOL E . 31.56 1.59 2.00
C1 GOL F . 14.52 -16.00 -4.97
O1 GOL F . 14.95 -15.33 -6.15
C2 GOL F . 13.40 -16.99 -5.26
O2 GOL F . 13.69 -17.77 -6.44
C3 GOL F . 13.31 -17.92 -4.06
O3 GOL F . 11.99 -18.49 -3.99
S SO4 G . 0.88 3.55 -19.13
O1 SO4 G . 0.65 4.95 -18.72
O2 SO4 G . 2.25 3.34 -19.65
O3 SO4 G . -0.10 3.18 -20.17
O4 SO4 G . 0.67 2.69 -17.94
C7 QKA H . -12.56 -16.88 18.63
C6 QKA H . -16.96 -19.07 13.34
C1 QKA H . -17.68 -18.68 5.44
N1 QKA H . -18.60 -19.67 7.89
C5 QKA H . -14.78 -18.81 14.66
C4 QKA H . -15.81 -16.03 11.01
C3 QKA H . -17.31 -19.16 7.68
C2 QKA H . -19.42 -19.63 6.80
O QKA H . -14.60 -20.02 14.87
N5 QKA H . -14.16 -17.82 15.37
C18 QKA H . -13.26 -18.13 16.48
C15 QKA H . -12.90 -16.84 17.15
C14 QKA H . -13.83 -16.20 18.15
C17 QKA H . -13.96 -14.70 18.19
C11 QKA H . -15.67 -18.31 13.60
C12 QKA H . -15.83 -19.15 12.35
C16 QKA H . -15.94 -18.50 10.96
N2 QKA H . -16.50 -17.15 11.09
C13 QKA H . -14.64 -18.64 10.15
C10 QKA H . -13.56 -17.64 10.57
S QKA H . -14.10 -15.88 10.61
N4 QKA H . -16.42 -14.84 11.19
C9 QKA H . -16.92 -19.36 10.10
N3 QKA H . -16.49 -19.03 8.77
C8 QKA H . -15.15 -18.45 8.70
N QKA H . -16.81 -18.67 6.50
C QKA H . -19.01 -19.14 5.55
C1 GOL I . -4.92 -5.31 37.55
O1 GOL I . -3.95 -6.24 38.10
C2 GOL I . -5.20 -5.57 36.06
O2 GOL I . -5.44 -6.94 35.80
C3 GOL I . -6.47 -4.84 35.65
O3 GOL I . -6.07 -3.56 35.17
C1 GOL J . -37.34 -23.35 6.29
O1 GOL J . -38.58 -24.05 6.45
C2 GOL J . -37.61 -21.88 6.12
O2 GOL J . -38.34 -21.38 7.24
C3 GOL J . -36.28 -21.17 6.10
O3 GOL J . -36.30 -20.36 4.93
C1 GOL K . -25.67 -35.27 22.86
O1 GOL K . -25.69 -33.93 23.37
C2 GOL K . -24.76 -36.16 23.69
O2 GOL K . -25.10 -36.04 25.07
C3 GOL K . -24.96 -37.59 23.19
O3 GOL K . -24.55 -38.54 24.19
S SO4 L . -4.41 -17.46 24.10
O1 SO4 L . -3.67 -17.46 25.38
O2 SO4 L . -3.67 -16.65 23.10
O3 SO4 L . -4.52 -18.85 23.59
O4 SO4 L . -5.76 -16.93 24.32
S SO4 M . 1.00 -1.94 -4.22
O1 SO4 M . 2.05 -1.68 -3.22
O2 SO4 M . 1.56 -1.75 -5.55
O3 SO4 M . 0.54 -3.33 -4.05
O4 SO4 M . -0.20 -1.07 -4.01
S SO4 N . -11.57 -16.64 7.21
O1 SO4 N . -10.98 -17.61 6.24
O2 SO4 N . -11.18 -15.26 6.84
O3 SO4 N . -11.03 -16.91 8.56
O4 SO4 N . -13.03 -16.73 7.20
#